data_8FN9
#
_entry.id   8FN9
#
_cell.length_a   48.325
_cell.length_b   75.656
_cell.length_c   88.322
_cell.angle_alpha   104.410
_cell.angle_beta   92.401
_cell.angle_gamma   91.811
#
_symmetry.space_group_name_H-M   'P 1'
#
loop_
_entity.id
_entity.type
_entity.pdbx_description
1 polymer Tenascin-R
2 polymer 'Receptor-type tyrosine-protein phosphatase zeta'
3 non-polymer 'CALCIUM ION'
4 water water
#
loop_
_entity_poly.entity_id
_entity_poly.type
_entity_poly.pdbx_seq_one_letter_code
_entity_poly.pdbx_strand_id
1 'polypeptide(L)'
;GTGSGRVFPHPQDCAQHLMNGDTLSGVYPIFLNGELSQKLQVYCDMTTDGGGWIVFQRRQNGQTDFFRKWADYRVGFGNV
EDEFWLGLDNIHRITSQGRYELRVDMRDGQEAAFASYDRFSVEDSRNLYKLRIGSYNGTAGDSLSYHQGRPFSTEDRDND
VAVTNCAMSYKGAWWYKNCHRTNLNGKYGESRHSQGINWYHWKGHEFSIPFVEMKMRPYNHRLMAGRKRQSLQF
;
A,C,E,G
2 'polypeptide(L)'
;GTGSVCSSEPENVQADPENYTSLLVTWERPRVVYDTMIEKFAVLYQQLDGEDQTKHEFLTDGYQDLGAILNNLLPNMSYV
LQIVAICTNGLYGKYSDQLIVDMPTD
;
B,D,F,H
#
# COMPACT_ATOMS: atom_id res chain seq x y z
N ARG A 6 22.82 20.38 -0.51
CA ARG A 6 23.32 19.65 -1.68
C ARG A 6 22.64 20.15 -2.94
N VAL A 7 23.42 20.24 -4.01
CA VAL A 7 22.88 20.70 -5.30
C VAL A 7 21.88 19.70 -5.85
N PHE A 8 22.16 18.40 -5.70
CA PHE A 8 21.26 17.35 -6.15
C PHE A 8 20.76 16.54 -4.97
N PRO A 9 19.55 16.81 -4.48
CA PRO A 9 19.07 16.06 -3.31
C PRO A 9 18.96 14.56 -3.56
N HIS A 10 18.56 14.15 -4.76
CA HIS A 10 18.42 12.75 -5.11
C HIS A 10 19.20 12.47 -6.39
N PRO A 11 20.52 12.30 -6.27
CA PRO A 11 21.34 12.11 -7.46
C PRO A 11 20.89 10.90 -8.27
N GLN A 12 20.87 11.06 -9.58
CA GLN A 12 20.48 9.97 -10.48
C GLN A 12 21.68 9.28 -11.13
N ASP A 13 22.90 9.74 -10.85
CA ASP A 13 24.11 9.10 -11.31
C ASP A 13 25.25 9.47 -10.37
N CYS A 14 26.42 8.84 -10.58
CA CYS A 14 27.56 9.09 -9.69
C CYS A 14 28.16 10.47 -9.92
N ALA A 15 27.96 11.04 -11.09
CA ALA A 15 28.48 12.37 -11.35
C ALA A 15 27.74 13.42 -10.53
N GLN A 16 26.45 13.21 -10.26
CA GLN A 16 25.72 14.16 -9.42
C GLN A 16 26.14 14.05 -7.93
N HIS A 17 26.46 12.84 -7.47
CA HIS A 17 27.10 12.70 -6.17
C HIS A 17 28.41 13.49 -6.14
N LEU A 18 29.23 13.34 -7.18
CA LEU A 18 30.50 14.04 -7.23
C LEU A 18 30.32 15.53 -7.09
N MET A 19 29.34 16.10 -7.79
CA MET A 19 29.08 17.53 -7.69
C MET A 19 28.58 17.96 -6.31
N ASN A 20 27.97 17.06 -5.55
CA ASN A 20 27.55 17.35 -4.21
C ASN A 20 28.71 17.43 -3.21
N GLY A 21 29.90 17.00 -3.59
CA GLY A 21 31.03 16.95 -2.67
C GLY A 21 31.39 15.54 -2.22
N ASP A 22 30.63 14.53 -2.66
CA ASP A 22 30.91 13.12 -2.36
C ASP A 22 31.88 12.58 -3.41
N THR A 23 33.15 12.89 -3.19
CA THR A 23 34.19 12.57 -4.16
C THR A 23 35.04 11.37 -3.75
N LEU A 24 34.56 10.58 -2.78
CA LEU A 24 35.24 9.37 -2.36
C LEU A 24 34.55 8.16 -2.99
N SER A 25 35.34 7.29 -3.60
CA SER A 25 34.80 6.08 -4.19
C SER A 25 34.15 5.24 -3.11
N GLY A 26 33.07 4.57 -3.48
CA GLY A 26 32.36 3.75 -2.53
C GLY A 26 30.95 3.48 -3.02
N VAL A 27 30.14 2.96 -2.08
CA VAL A 27 28.75 2.65 -2.38
C VAL A 27 27.89 3.88 -2.11
N TYR A 28 26.95 4.13 -3.02
CA TYR A 28 26.04 5.26 -2.93
C TYR A 28 24.68 4.82 -3.45
N PRO A 29 23.61 5.47 -3.01
CA PRO A 29 22.33 5.30 -3.70
C PRO A 29 22.13 6.33 -4.79
N ILE A 30 21.62 5.86 -5.93
CA ILE A 30 21.14 6.76 -6.97
C ILE A 30 19.65 6.50 -7.16
N PHE A 31 18.99 7.47 -7.75
CA PHE A 31 17.53 7.48 -7.89
C PHE A 31 17.24 7.72 -9.35
N LEU A 32 16.77 6.69 -10.04
CA LEU A 32 16.53 6.79 -11.48
C LEU A 32 15.58 7.94 -11.78
N ASN A 33 15.98 8.82 -12.69
CA ASN A 33 15.20 10.01 -13.02
C ASN A 33 14.93 10.88 -11.81
N GLY A 34 15.74 10.75 -10.77
CA GLY A 34 15.60 11.61 -9.60
C GLY A 34 14.36 11.37 -8.77
N GLU A 35 13.72 10.21 -8.91
CA GLU A 35 12.51 9.92 -8.16
C GLU A 35 12.83 8.93 -7.04
N LEU A 36 12.36 9.23 -5.82
CA LEU A 36 12.82 8.52 -4.63
C LEU A 36 12.42 7.06 -4.65
N SER A 37 11.30 6.72 -5.28
CA SER A 37 10.85 5.32 -5.28
C SER A 37 11.74 4.41 -6.12
N GLN A 38 12.56 4.97 -7.01
CA GLN A 38 13.43 4.19 -7.88
C GLN A 38 14.87 4.18 -7.38
N LYS A 39 15.06 3.83 -6.11
CA LYS A 39 16.39 3.80 -5.53
C LYS A 39 17.17 2.57 -5.99
N LEU A 40 18.43 2.77 -6.34
CA LEU A 40 19.32 1.68 -6.67
C LEU A 40 20.66 1.87 -5.99
N GLN A 41 21.20 0.81 -5.40
CA GLN A 41 22.52 0.84 -4.79
C GLN A 41 23.59 0.55 -5.85
N VAL A 42 24.60 1.41 -5.91
CA VAL A 42 25.64 1.30 -6.92
CA VAL A 42 25.64 1.35 -6.94
C VAL A 42 26.98 1.63 -6.29
N TYR A 43 28.04 1.18 -6.96
CA TYR A 43 29.40 1.54 -6.58
C TYR A 43 29.87 2.63 -7.54
N CYS A 44 30.29 3.76 -6.99
CA CYS A 44 30.78 4.92 -7.74
C CYS A 44 32.30 4.95 -7.69
N ASP A 45 32.90 5.01 -8.89
CA ASP A 45 34.33 5.24 -9.05
C ASP A 45 34.53 6.75 -9.17
N MET A 46 35.09 7.35 -8.15
CA MET A 46 35.21 8.80 -8.04
C MET A 46 36.63 9.30 -8.36
N THR A 47 37.49 8.48 -8.92
CA THR A 47 38.86 8.84 -9.19
C THR A 47 39.27 8.73 -10.66
N THR A 48 38.70 7.81 -11.44
CA THR A 48 39.12 7.65 -12.83
C THR A 48 38.69 8.82 -13.70
N ASP A 49 39.66 9.47 -14.34
CA ASP A 49 39.36 10.60 -15.26
C ASP A 49 38.43 11.62 -14.63
N GLY A 50 38.72 11.97 -13.40
CA GLY A 50 37.91 12.94 -12.66
C GLY A 50 36.74 12.37 -11.90
N GLY A 51 36.45 11.12 -12.02
CA GLY A 51 35.43 10.49 -11.24
C GLY A 51 34.03 10.61 -11.80
N GLY A 52 33.08 9.97 -11.10
CA GLY A 52 31.69 10.07 -11.43
C GLY A 52 31.14 8.90 -12.20
N TRP A 53 31.79 7.75 -12.12
CA TRP A 53 31.43 6.58 -12.91
C TRP A 53 30.60 5.64 -12.06
N ILE A 54 29.48 5.17 -12.60
CA ILE A 54 28.74 4.04 -12.04
C ILE A 54 29.44 2.77 -12.53
N VAL A 55 29.93 1.97 -11.61
CA VAL A 55 30.52 0.67 -11.97
C VAL A 55 29.38 -0.33 -12.03
N PHE A 56 29.29 -1.06 -13.16
CA PHE A 56 28.22 -2.03 -13.34
C PHE A 56 28.73 -3.45 -13.51
N GLN A 57 30.05 -3.66 -13.49
CA GLN A 57 30.61 -5.00 -13.59
C GLN A 57 32.02 -4.93 -13.02
N ARG A 58 32.38 -5.91 -12.22
CA ARG A 58 33.76 -6.06 -11.77
C ARG A 58 34.17 -7.53 -11.64
N ARG A 59 35.37 -7.85 -12.13
CA ARG A 59 36.01 -9.14 -11.95
C ARG A 59 37.35 -8.85 -11.28
N GLN A 60 37.66 -9.61 -10.23
CA GLN A 60 38.94 -9.37 -9.56
C GLN A 60 39.54 -10.54 -8.82
N ASN A 61 38.81 -11.66 -8.65
CA ASN A 61 39.40 -12.76 -7.91
C ASN A 61 38.80 -14.13 -8.26
N GLY A 62 37.72 -14.14 -9.03
CA GLY A 62 37.12 -15.39 -9.40
C GLY A 62 36.34 -16.11 -8.32
N GLN A 63 36.04 -15.45 -7.22
CA GLN A 63 35.28 -16.11 -6.16
C GLN A 63 33.78 -16.10 -6.43
N THR A 64 33.31 -15.33 -7.39
CA THR A 64 31.90 -15.26 -7.73
C THR A 64 31.64 -15.91 -9.09
N ASP A 65 30.60 -16.73 -9.16
CA ASP A 65 30.23 -17.44 -10.38
C ASP A 65 29.53 -16.50 -11.34
N PHE A 66 30.04 -16.39 -12.56
CA PHE A 66 29.42 -15.57 -13.60
C PHE A 66 28.73 -16.40 -14.68
N PHE A 67 28.73 -17.72 -14.57
CA PHE A 67 28.10 -18.57 -15.59
C PHE A 67 26.65 -18.82 -15.20
N ARG A 68 25.86 -17.76 -15.29
CA ARG A 68 24.48 -17.77 -14.81
C ARG A 68 23.51 -17.66 -15.99
N LYS A 69 22.22 -17.64 -15.66
CA LYS A 69 21.16 -17.66 -16.65
C LYS A 69 20.59 -16.27 -16.91
N TRP A 70 19.72 -16.21 -17.93
CA TRP A 70 19.08 -14.97 -18.35
C TRP A 70 18.50 -14.20 -17.17
N ALA A 71 17.64 -14.86 -16.36
CA ALA A 71 17.00 -14.15 -15.25
C ALA A 71 18.04 -13.56 -14.30
N ASP A 72 19.15 -14.26 -14.06
CA ASP A 72 20.21 -13.69 -13.22
C ASP A 72 20.83 -12.45 -13.85
N TYR A 73 21.19 -12.55 -15.13
CA TYR A 73 21.76 -11.36 -15.78
C TYR A 73 20.76 -10.24 -15.98
N ARG A 74 19.48 -10.54 -15.95
CA ARG A 74 18.46 -9.48 -16.05
C ARG A 74 18.38 -8.65 -14.76
N VAL A 75 18.36 -9.33 -13.62
CA VAL A 75 18.15 -8.64 -12.34
C VAL A 75 19.44 -8.20 -11.67
N GLY A 76 20.56 -8.83 -11.99
CA GLY A 76 21.80 -8.53 -11.31
C GLY A 76 22.14 -9.53 -10.21
N PHE A 77 23.44 -9.61 -9.91
CA PHE A 77 23.92 -10.53 -8.90
C PHE A 77 25.26 -10.08 -8.37
N GLY A 78 25.62 -10.59 -7.18
CA GLY A 78 26.92 -10.26 -6.58
C GLY A 78 26.88 -9.05 -5.67
N ASN A 79 28.06 -8.72 -5.13
CA ASN A 79 28.25 -7.64 -4.17
C ASN A 79 28.95 -6.47 -4.88
N VAL A 80 28.35 -5.28 -4.81
CA VAL A 80 28.91 -4.17 -5.58
C VAL A 80 30.28 -3.74 -5.07
N GLU A 81 30.66 -4.13 -3.85
CA GLU A 81 32.01 -3.88 -3.37
C GLU A 81 33.01 -4.95 -3.77
N ASP A 82 32.54 -6.05 -4.38
CA ASP A 82 33.43 -7.14 -4.81
CA ASP A 82 33.43 -7.14 -4.81
C ASP A 82 33.20 -7.43 -6.30
N GLU A 83 32.90 -8.67 -6.65
CA GLU A 83 32.59 -8.98 -8.05
C GLU A 83 31.08 -9.00 -8.24
N PHE A 84 30.60 -8.42 -9.33
CA PHE A 84 29.15 -8.26 -9.49
C PHE A 84 28.80 -7.90 -10.92
N TRP A 85 27.51 -8.03 -11.21
CA TRP A 85 26.89 -7.58 -12.45
C TRP A 85 25.66 -6.81 -12.04
N LEU A 86 25.52 -5.56 -12.48
CA LEU A 86 24.49 -4.70 -11.95
C LEU A 86 23.10 -5.08 -12.41
N GLY A 87 22.99 -5.80 -13.52
CA GLY A 87 21.67 -6.16 -14.05
C GLY A 87 21.31 -5.39 -15.31
N LEU A 88 20.90 -6.14 -16.34
CA LEU A 88 20.61 -5.53 -17.63
C LEU A 88 19.42 -4.56 -17.56
N ASP A 89 18.39 -4.88 -16.78
CA ASP A 89 17.28 -3.94 -16.62
C ASP A 89 17.74 -2.62 -15.99
N ASN A 90 18.60 -2.70 -14.97
CA ASN A 90 19.18 -1.51 -14.39
C ASN A 90 20.04 -0.73 -15.41
N ILE A 91 20.93 -1.43 -16.12
CA ILE A 91 21.78 -0.76 -17.08
C ILE A 91 20.94 -0.08 -18.14
N HIS A 92 19.89 -0.76 -18.63
CA HIS A 92 18.97 -0.12 -19.57
C HIS A 92 18.37 1.16 -19.00
N ARG A 93 17.85 1.09 -17.77
CA ARG A 93 17.17 2.24 -17.18
C ARG A 93 18.13 3.40 -16.97
N ILE A 94 19.38 3.11 -16.60
CA ILE A 94 20.33 4.19 -16.33
C ILE A 94 20.75 4.86 -17.65
N THR A 95 21.06 4.06 -18.66
CA THR A 95 21.56 4.64 -19.92
C THR A 95 20.45 5.32 -20.71
N SER A 96 19.19 5.13 -20.33
CA SER A 96 18.08 5.86 -20.89
C SER A 96 17.90 7.25 -20.29
N GLN A 97 18.65 7.60 -19.24
CA GLN A 97 18.49 8.92 -18.61
C GLN A 97 19.13 10.02 -19.43
N GLY A 98 20.02 9.67 -20.35
CA GLY A 98 20.70 10.65 -21.16
C GLY A 98 21.82 9.99 -21.91
N ARG A 99 22.69 10.79 -22.55
CA ARG A 99 23.81 10.21 -23.26
C ARG A 99 24.88 9.78 -22.27
N TYR A 100 25.17 8.50 -22.17
CA TYR A 100 26.22 7.97 -21.32
C TYR A 100 27.41 7.52 -22.17
N GLU A 101 28.57 7.53 -21.56
CA GLU A 101 29.79 6.95 -22.06
C GLU A 101 30.15 5.71 -21.29
N LEU A 102 30.86 4.81 -21.96
CA LEU A 102 31.34 3.56 -21.36
C LEU A 102 32.85 3.58 -21.25
N ARG A 103 33.35 3.10 -20.11
CA ARG A 103 34.78 2.89 -19.89
C ARG A 103 35.01 1.51 -19.32
N VAL A 104 35.97 0.80 -19.91
CA VAL A 104 36.43 -0.50 -19.42
C VAL A 104 37.88 -0.37 -19.01
N ASP A 105 38.17 -0.60 -17.75
CA ASP A 105 39.50 -0.52 -17.18
C ASP A 105 39.97 -1.93 -16.87
N MET A 106 41.21 -2.28 -17.25
CA MET A 106 41.73 -3.63 -17.13
CA MET A 106 41.72 -3.63 -17.11
C MET A 106 43.16 -3.58 -16.61
N ARG A 107 43.52 -4.59 -15.85
CA ARG A 107 44.84 -4.66 -15.25
C ARG A 107 45.33 -6.08 -15.24
N ASP A 108 46.63 -6.25 -15.43
CA ASP A 108 47.34 -7.54 -15.29
C ASP A 108 48.56 -7.20 -14.41
N GLY A 109 48.39 -7.29 -13.10
CA GLY A 109 49.46 -6.93 -12.19
C GLY A 109 49.75 -5.45 -12.30
N GLN A 110 50.92 -5.10 -12.84
CA GLN A 110 51.32 -3.71 -12.95
C GLN A 110 50.99 -3.07 -14.30
N GLU A 111 50.64 -3.87 -15.32
CA GLU A 111 50.28 -3.34 -16.63
CA GLU A 111 50.28 -3.32 -16.62
C GLU A 111 48.78 -3.07 -16.66
N ALA A 112 48.41 -1.95 -17.25
CA ALA A 112 47.02 -1.50 -17.28
C ALA A 112 46.68 -1.00 -18.67
N ALA A 113 45.39 -1.05 -18.97
CA ALA A 113 44.89 -0.52 -20.22
C ALA A 113 43.42 -0.18 -20.03
N PHE A 114 42.89 0.57 -21.00
CA PHE A 114 41.48 0.94 -20.94
C PHE A 114 40.94 1.12 -22.35
N ALA A 115 39.61 1.09 -22.43
CA ALA A 115 38.86 1.34 -23.66
C ALA A 115 37.65 2.17 -23.28
N SER A 116 37.35 3.20 -24.07
CA SER A 116 36.21 4.05 -23.80
C SER A 116 35.43 4.28 -25.09
N TYR A 117 34.12 4.46 -24.93
CA TYR A 117 33.21 4.61 -26.06
C TYR A 117 32.27 5.76 -25.71
N ASP A 118 32.18 6.76 -26.58
CA ASP A 118 31.54 8.03 -26.21
C ASP A 118 30.02 8.02 -26.40
N ARG A 119 29.44 6.86 -26.69
CA ARG A 119 28.02 6.63 -26.56
C ARG A 119 27.89 5.23 -25.99
N PHE A 120 26.94 5.01 -25.10
CA PHE A 120 26.71 3.66 -24.57
C PHE A 120 25.24 3.54 -24.16
N SER A 121 24.57 2.52 -24.71
CA SER A 121 23.24 2.23 -24.22
C SER A 121 23.02 0.75 -24.39
N VAL A 122 22.08 0.25 -23.62
CA VAL A 122 21.55 -1.11 -23.74
C VAL A 122 20.06 -0.98 -23.94
N GLU A 123 19.51 -1.66 -24.94
CA GLU A 123 18.09 -1.59 -25.21
C GLU A 123 17.31 -2.35 -24.15
N ASP A 124 15.99 -2.34 -24.29
CA ASP A 124 15.13 -2.91 -23.27
C ASP A 124 14.98 -4.43 -23.51
N SER A 125 14.21 -5.09 -22.63
CA SER A 125 14.12 -6.54 -22.67
C SER A 125 13.52 -7.01 -23.99
N ARG A 126 12.50 -6.30 -24.46
CA ARG A 126 11.83 -6.69 -25.70
C ARG A 126 12.84 -6.77 -26.84
N ASN A 127 13.82 -5.89 -26.84
CA ASN A 127 14.89 -5.90 -27.82
C ASN A 127 16.13 -6.65 -27.34
N LEU A 128 15.98 -7.51 -26.33
CA LEU A 128 17.05 -8.42 -25.92
C LEU A 128 18.32 -7.69 -25.52
N TYR A 129 18.16 -6.46 -25.02
CA TYR A 129 19.24 -5.72 -24.42
C TYR A 129 20.39 -5.47 -25.38
N LYS A 130 20.07 -5.17 -26.62
CA LYS A 130 21.08 -4.96 -27.64
C LYS A 130 22.00 -3.84 -27.21
N LEU A 131 23.27 -4.00 -27.55
CA LEU A 131 24.36 -3.09 -27.22
C LEU A 131 24.52 -2.02 -28.28
N ARG A 132 24.62 -0.76 -27.86
CA ARG A 132 24.90 0.35 -28.75
C ARG A 132 26.08 1.11 -28.19
N ILE A 133 27.17 1.25 -28.98
CA ILE A 133 28.35 1.97 -28.52
C ILE A 133 28.78 2.99 -29.57
N GLY A 134 29.46 4.02 -29.11
CA GLY A 134 29.94 5.11 -29.94
C GLY A 134 31.40 4.98 -30.31
N SER A 135 32.07 6.11 -30.44
CA SER A 135 33.44 6.15 -30.96
CA SER A 135 33.44 6.15 -30.96
C SER A 135 34.44 5.81 -29.88
N TYR A 136 35.46 5.04 -30.26
CA TYR A 136 36.46 4.52 -29.35
C TYR A 136 37.62 5.49 -29.12
N ASN A 137 38.09 5.50 -27.89
CA ASN A 137 39.40 6.02 -27.53
C ASN A 137 39.99 5.07 -26.49
N GLY A 138 41.31 4.90 -26.50
CA GLY A 138 41.91 4.13 -25.43
C GLY A 138 43.24 3.51 -25.82
N THR A 139 43.70 2.60 -24.95
CA THR A 139 44.94 1.87 -25.12
C THR A 139 44.73 0.37 -25.26
N ALA A 140 43.59 -0.16 -24.90
CA ALA A 140 43.35 -1.59 -24.94
C ALA A 140 43.09 -2.13 -26.35
N GLY A 141 42.82 -1.25 -27.30
CA GLY A 141 42.34 -1.62 -28.63
C GLY A 141 40.83 -1.79 -28.66
N ASP A 142 40.26 -1.57 -29.85
CA ASP A 142 38.80 -1.51 -29.99
C ASP A 142 38.29 -2.91 -30.30
N SER A 143 38.13 -3.71 -29.26
CA SER A 143 37.57 -5.06 -29.39
C SER A 143 36.05 -5.11 -29.19
N LEU A 144 35.43 -4.08 -28.64
CA LEU A 144 34.02 -4.13 -28.39
C LEU A 144 33.17 -3.74 -29.60
N SER A 145 33.71 -2.97 -30.57
CA SER A 145 32.92 -2.62 -31.74
CA SER A 145 32.93 -2.62 -31.76
C SER A 145 32.51 -3.86 -32.52
N TYR A 146 33.27 -4.94 -32.46
CA TYR A 146 32.80 -6.20 -33.04
C TYR A 146 31.36 -6.52 -32.66
N HIS A 147 30.99 -6.19 -31.43
CA HIS A 147 29.74 -6.52 -30.78
C HIS A 147 28.64 -5.50 -30.98
N GLN A 148 28.85 -4.51 -31.83
CA GLN A 148 27.89 -3.43 -32.03
C GLN A 148 26.53 -3.99 -32.46
N GLY A 149 25.48 -3.59 -31.73
CA GLY A 149 24.13 -3.87 -32.20
C GLY A 149 23.67 -5.29 -31.95
N ARG A 150 24.43 -6.06 -31.22
CA ARG A 150 24.09 -7.47 -31.03
C ARG A 150 23.26 -7.63 -29.76
N PRO A 151 22.28 -8.53 -29.75
CA PRO A 151 21.55 -8.82 -28.50
C PRO A 151 22.41 -9.58 -27.50
N PHE A 152 21.95 -9.55 -26.26
CA PHE A 152 22.64 -10.25 -25.17
C PHE A 152 22.20 -11.71 -25.22
N SER A 153 23.12 -12.61 -24.87
CA SER A 153 22.88 -14.05 -24.83
C SER A 153 23.43 -14.68 -23.53
N THR A 154 22.75 -15.71 -23.03
CA THR A 154 23.23 -16.50 -21.91
C THR A 154 23.16 -17.97 -22.31
N GLU A 155 23.71 -18.81 -21.45
CA GLU A 155 23.72 -20.24 -21.80
C GLU A 155 22.34 -20.80 -22.04
N ASP A 156 21.31 -20.23 -21.40
CA ASP A 156 19.94 -20.73 -21.55
C ASP A 156 19.09 -19.93 -22.53
N ARG A 157 19.65 -18.89 -23.14
CA ARG A 157 18.93 -18.04 -24.09
C ARG A 157 19.91 -17.65 -25.20
N ASP A 158 19.91 -18.41 -26.29
CA ASP A 158 20.86 -18.24 -27.39
C ASP A 158 20.33 -17.20 -28.38
N ASN A 159 20.89 -16.01 -28.36
CA ASN A 159 20.51 -14.99 -29.34
C ASN A 159 21.65 -14.66 -30.32
N ASP A 160 22.68 -15.51 -30.36
CA ASP A 160 23.82 -15.24 -31.25
C ASP A 160 23.48 -15.68 -32.66
N VAL A 161 24.41 -15.49 -33.59
CA VAL A 161 24.17 -15.88 -34.97
C VAL A 161 25.09 -17.02 -35.38
N ALA A 162 25.57 -17.79 -34.42
CA ALA A 162 26.41 -18.95 -34.64
C ALA A 162 25.60 -20.23 -34.50
N VAL A 163 26.06 -21.27 -35.18
CA VAL A 163 25.42 -22.57 -35.03
C VAL A 163 25.59 -23.07 -33.59
N THR A 164 26.76 -22.82 -33.02
CA THR A 164 27.03 -23.19 -31.64
C THR A 164 26.31 -22.26 -30.68
N ASN A 165 26.31 -22.64 -29.39
CA ASN A 165 25.81 -21.79 -28.32
C ASN A 165 27.00 -21.04 -27.74
N CYS A 166 27.18 -19.77 -28.15
CA CYS A 166 28.39 -19.05 -27.80
C CYS A 166 28.57 -18.97 -26.28
N ALA A 167 27.50 -18.65 -25.57
CA ALA A 167 27.57 -18.49 -24.12
C ALA A 167 27.96 -19.80 -23.42
N MET A 168 27.47 -20.93 -23.93
CA MET A 168 27.83 -22.21 -23.33
C MET A 168 29.26 -22.57 -23.67
N SER A 169 29.65 -22.39 -24.93
CA SER A 169 30.99 -22.81 -25.36
C SER A 169 32.09 -21.95 -24.74
N TYR A 170 31.83 -20.68 -24.53
CA TYR A 170 32.84 -19.76 -24.04
C TYR A 170 32.52 -19.26 -22.64
N LYS A 171 31.70 -20.00 -21.93
CA LYS A 171 31.61 -19.97 -20.47
C LYS A 171 31.30 -18.57 -19.94
N GLY A 172 30.28 -17.94 -20.48
CA GLY A 172 30.00 -16.55 -20.19
C GLY A 172 28.60 -16.11 -20.53
N ALA A 173 28.43 -14.79 -20.60
CA ALA A 173 27.18 -14.14 -20.97
C ALA A 173 27.54 -12.82 -21.61
N TRP A 174 27.02 -12.54 -22.82
CA TRP A 174 27.55 -11.38 -23.54
C TRP A 174 26.68 -11.06 -24.73
N TRP A 175 27.02 -9.97 -25.43
CA TRP A 175 26.41 -9.62 -26.69
C TRP A 175 27.15 -10.37 -27.80
N TYR A 176 26.94 -11.69 -27.86
CA TYR A 176 27.73 -12.51 -28.75
C TYR A 176 27.28 -12.40 -30.19
N LYS A 177 28.25 -12.51 -31.11
CA LYS A 177 27.95 -12.60 -32.54
C LYS A 177 28.30 -14.01 -32.99
N ASN A 178 29.53 -14.27 -33.44
CA ASN A 178 29.96 -15.65 -33.71
C ASN A 178 31.48 -15.82 -33.59
N CYS A 179 32.06 -15.62 -32.38
CA CYS A 179 31.31 -15.37 -31.16
C CYS A 179 31.70 -14.06 -30.49
N HIS A 180 33.00 -13.84 -30.27
CA HIS A 180 33.40 -12.65 -29.52
C HIS A 180 34.85 -12.23 -29.77
N ARG A 181 35.09 -10.94 -29.53
CA ARG A 181 36.44 -10.43 -29.30
C ARG A 181 36.64 -9.91 -27.88
N THR A 182 35.55 -9.77 -27.10
CA THR A 182 35.60 -9.53 -25.68
C THR A 182 34.64 -10.45 -24.95
N ASN A 183 35.05 -10.92 -23.78
CA ASN A 183 34.31 -11.94 -23.03
C ASN A 183 34.45 -11.67 -21.53
N LEU A 184 34.06 -10.45 -21.10
CA LEU A 184 34.40 -10.03 -19.74
C LEU A 184 33.57 -10.69 -18.64
N ASN A 185 32.48 -11.40 -19.00
CA ASN A 185 31.77 -12.24 -18.04
C ASN A 185 32.13 -13.71 -18.17
N GLY A 186 33.25 -14.04 -18.82
CA GLY A 186 33.72 -15.41 -18.99
C GLY A 186 34.39 -15.94 -17.75
N LYS A 187 35.02 -17.08 -17.91
CA LYS A 187 35.49 -17.86 -16.76
C LYS A 187 36.79 -17.29 -16.20
N TYR A 188 36.77 -16.98 -14.92
CA TYR A 188 37.95 -16.38 -14.31
C TYR A 188 39.16 -17.31 -14.39
N GLY A 189 40.29 -16.74 -14.80
CA GLY A 189 41.54 -17.46 -14.79
C GLY A 189 41.69 -18.50 -15.86
N GLU A 190 40.74 -18.61 -16.79
CA GLU A 190 40.72 -19.67 -17.81
C GLU A 190 41.50 -19.23 -19.05
N SER A 191 42.60 -19.92 -19.33
CA SER A 191 43.45 -19.61 -20.47
C SER A 191 43.06 -20.33 -21.76
N ARG A 192 42.22 -21.34 -21.66
CA ARG A 192 41.77 -22.04 -22.86
C ARG A 192 41.12 -21.09 -23.85
N HIS A 193 41.39 -21.32 -25.13
CA HIS A 193 41.05 -20.35 -26.17
C HIS A 193 39.60 -19.87 -26.06
N SER A 194 39.44 -18.56 -25.93
CA SER A 194 38.19 -17.79 -25.92
C SER A 194 37.27 -18.09 -24.75
N GLN A 195 37.65 -18.94 -23.80
CA GLN A 195 36.77 -19.25 -22.68
C GLN A 195 36.93 -18.33 -21.49
N GLY A 196 38.02 -17.58 -21.40
CA GLY A 196 38.31 -16.75 -20.25
C GLY A 196 37.89 -15.30 -20.44
N ILE A 197 38.37 -14.46 -19.54
CA ILE A 197 38.05 -13.04 -19.56
C ILE A 197 38.95 -12.35 -20.58
N ASN A 198 38.49 -12.25 -21.81
CA ASN A 198 39.34 -11.84 -22.92
C ASN A 198 39.04 -10.39 -23.30
N TRP A 199 40.08 -9.66 -23.65
CA TRP A 199 39.94 -8.42 -24.42
C TRP A 199 40.93 -8.61 -25.55
N TYR A 200 40.44 -8.99 -26.73
CA TYR A 200 41.31 -9.59 -27.74
C TYR A 200 42.48 -8.69 -28.14
N HIS A 201 42.21 -7.43 -28.43
CA HIS A 201 43.28 -6.59 -28.97
C HIS A 201 44.32 -6.23 -27.92
N TRP A 202 44.05 -6.46 -26.64
CA TRP A 202 45.07 -6.24 -25.63
C TRP A 202 45.90 -7.48 -25.33
N LYS A 203 45.25 -8.63 -25.10
CA LYS A 203 45.99 -9.83 -24.68
C LYS A 203 45.59 -11.09 -25.44
N GLY A 204 44.75 -10.98 -26.43
CA GLY A 204 44.45 -12.17 -27.21
C GLY A 204 43.39 -13.05 -26.57
N HIS A 205 43.29 -14.28 -27.11
CA HIS A 205 42.21 -15.18 -26.74
C HIS A 205 42.66 -16.27 -25.77
N GLU A 206 43.94 -16.34 -25.44
CA GLU A 206 44.47 -17.36 -24.53
C GLU A 206 45.06 -16.73 -23.28
N PHE A 207 44.54 -15.57 -22.91
CA PHE A 207 44.93 -14.90 -21.67
C PHE A 207 43.66 -14.40 -20.99
N SER A 208 43.49 -14.74 -19.72
CA SER A 208 42.33 -14.30 -18.95
C SER A 208 42.79 -13.13 -18.05
N ILE A 209 42.10 -12.00 -18.17
CA ILE A 209 42.52 -10.76 -17.51
C ILE A 209 42.11 -10.82 -16.03
N PRO A 210 43.04 -10.63 -15.11
CA PRO A 210 42.71 -10.84 -13.70
C PRO A 210 41.90 -9.70 -13.05
N PHE A 211 41.90 -8.49 -13.62
CA PHE A 211 41.07 -7.42 -13.05
C PHE A 211 40.40 -6.63 -14.16
N VAL A 212 39.09 -6.44 -14.04
CA VAL A 212 38.37 -5.63 -15.01
CA VAL A 212 38.27 -5.76 -15.05
C VAL A 212 37.18 -4.97 -14.34
N GLU A 213 36.89 -3.76 -14.79
CA GLU A 213 35.73 -2.98 -14.31
C GLU A 213 35.06 -2.38 -15.54
N MET A 214 33.74 -2.49 -15.61
CA MET A 214 32.97 -1.79 -16.64
C MET A 214 32.17 -0.71 -15.95
N LYS A 215 32.17 0.49 -16.51
CA LYS A 215 31.59 1.62 -15.80
C LYS A 215 31.03 2.64 -16.79
N MET A 216 30.10 3.48 -16.29
CA MET A 216 29.44 4.44 -17.17
C MET A 216 29.25 5.81 -16.49
N ARG A 217 29.26 6.86 -17.30
CA ARG A 217 29.12 8.23 -16.81
C ARG A 217 28.45 9.06 -17.89
N PRO A 218 27.63 10.06 -17.51
CA PRO A 218 27.02 10.93 -18.51
C PRO A 218 28.09 11.69 -19.30
N TYR A 219 27.92 11.70 -20.62
CA TYR A 219 28.82 12.47 -21.49
C TYR A 219 28.95 13.92 -21.02
N ASN A 220 27.83 14.53 -20.63
CA ASN A 220 27.88 15.95 -20.28
CA ASN A 220 27.89 15.95 -20.29
C ASN A 220 28.76 16.25 -19.08
N HIS A 221 29.21 15.24 -18.34
CA HIS A 221 30.14 15.51 -17.25
C HIS A 221 31.47 16.04 -17.76
N ARG A 222 31.79 15.83 -19.04
CA ARG A 222 32.98 16.43 -19.62
C ARG A 222 32.91 17.97 -19.58
N LEU A 223 31.71 18.54 -19.65
CA LEU A 223 31.59 20.00 -19.54
C LEU A 223 31.84 20.50 -18.12
N MET A 224 31.96 19.59 -17.16
CA MET A 224 32.01 19.93 -15.75
C MET A 224 32.72 18.82 -14.98
N SER B 4 53.95 -31.94 -39.53
CA SER B 4 53.43 -31.45 -40.79
C SER B 4 52.06 -30.80 -40.60
N VAL B 5 51.21 -31.42 -39.77
CA VAL B 5 49.91 -30.85 -39.49
C VAL B 5 50.07 -29.60 -38.62
N CYS B 6 49.13 -28.65 -38.79
CA CYS B 6 49.16 -27.40 -38.01
C CYS B 6 48.28 -27.46 -36.77
N SER B 7 47.51 -28.54 -36.60
CA SER B 7 46.76 -28.72 -35.36
C SER B 7 46.45 -30.20 -35.23
N SER B 8 46.01 -30.59 -34.05
CA SER B 8 45.43 -31.92 -33.89
C SER B 8 44.02 -31.94 -34.51
N GLU B 9 43.34 -33.09 -34.39
CA GLU B 9 42.04 -33.23 -35.02
C GLU B 9 40.96 -32.54 -34.19
N PRO B 10 39.91 -32.02 -34.84
CA PRO B 10 38.73 -31.60 -34.10
C PRO B 10 38.10 -32.81 -33.42
N GLU B 11 37.66 -32.62 -32.17
CA GLU B 11 37.28 -33.74 -31.34
C GLU B 11 35.77 -33.77 -31.12
N ASN B 12 35.28 -34.95 -30.76
CA ASN B 12 33.88 -35.14 -30.41
C ASN B 12 32.96 -34.68 -31.54
N VAL B 13 33.31 -35.01 -32.77
CA VAL B 13 32.47 -34.70 -33.90
C VAL B 13 31.17 -35.48 -33.77
N GLN B 14 30.07 -34.77 -33.61
CA GLN B 14 28.74 -35.34 -33.47
C GLN B 14 27.91 -34.92 -34.66
N ALA B 15 27.07 -35.84 -35.12
CA ALA B 15 26.22 -35.64 -36.29
C ALA B 15 24.83 -35.16 -35.92
N ASP B 16 24.16 -35.83 -34.98
CA ASP B 16 22.88 -35.43 -34.44
C ASP B 16 21.92 -34.96 -35.54
N PRO B 17 21.23 -35.88 -36.20
CA PRO B 17 20.22 -35.45 -37.18
C PRO B 17 19.17 -34.56 -36.52
N GLU B 18 18.93 -33.40 -37.14
CA GLU B 18 17.84 -32.55 -36.70
C GLU B 18 16.49 -33.09 -37.17
N ASN B 19 16.42 -33.54 -38.42
CA ASN B 19 15.24 -34.21 -38.95
C ASN B 19 15.71 -35.20 -40.01
N TYR B 20 14.87 -35.51 -41.00
CA TYR B 20 15.27 -36.45 -42.03
C TYR B 20 16.20 -35.83 -43.08
N THR B 21 16.34 -34.50 -43.11
CA THR B 21 17.05 -33.81 -44.18
C THR B 21 18.12 -32.83 -43.70
N SER B 22 18.31 -32.67 -42.39
CA SER B 22 19.23 -31.68 -41.87
C SER B 22 20.07 -32.31 -40.77
N LEU B 23 21.35 -31.97 -40.79
CA LEU B 23 22.36 -32.55 -39.93
C LEU B 23 23.05 -31.44 -39.16
N LEU B 24 23.10 -31.57 -37.84
CA LEU B 24 23.79 -30.61 -36.98
C LEU B 24 25.17 -31.18 -36.71
N VAL B 25 26.17 -30.65 -37.40
CA VAL B 25 27.54 -31.09 -37.22
C VAL B 25 28.19 -30.16 -36.23
N THR B 26 28.70 -30.70 -35.13
CA THR B 26 29.40 -29.94 -34.14
C THR B 26 30.70 -30.67 -33.82
N TRP B 27 31.66 -29.90 -33.31
CA TRP B 27 32.95 -30.43 -32.93
C TRP B 27 33.56 -29.53 -31.86
N GLU B 28 34.68 -29.97 -31.33
CA GLU B 28 35.45 -29.20 -30.37
C GLU B 28 36.75 -28.74 -31.02
N ARG B 29 37.25 -27.62 -30.57
CA ARG B 29 38.47 -27.06 -31.12
C ARG B 29 39.62 -28.03 -30.95
N PRO B 30 40.47 -28.20 -31.98
CA PRO B 30 41.68 -28.99 -31.80
C PRO B 30 42.38 -28.68 -30.50
N ARG B 31 42.83 -29.73 -29.79
CA ARG B 31 43.45 -29.50 -28.50
C ARG B 31 44.82 -28.84 -28.62
N VAL B 32 45.49 -29.03 -29.75
CA VAL B 32 46.83 -28.51 -29.94
C VAL B 32 46.93 -27.83 -31.30
N VAL B 33 47.54 -26.65 -31.33
CA VAL B 33 47.79 -25.87 -32.54
C VAL B 33 49.26 -25.53 -32.59
N TYR B 34 49.93 -25.84 -33.71
CA TYR B 34 51.39 -25.82 -33.79
C TYR B 34 51.86 -24.56 -34.53
N ASP B 35 52.38 -23.60 -33.77
CA ASP B 35 53.12 -22.45 -34.33
C ASP B 35 52.24 -21.56 -35.20
N THR B 36 50.93 -21.55 -34.97
CA THR B 36 50.04 -20.78 -35.84
C THR B 36 48.69 -20.64 -35.14
N MET B 37 47.70 -20.10 -35.86
CA MET B 37 46.34 -19.95 -35.37
C MET B 37 45.36 -20.61 -36.33
N ILE B 38 44.23 -21.04 -35.79
CA ILE B 38 43.16 -21.55 -36.64
C ILE B 38 42.38 -20.38 -37.20
N GLU B 39 42.17 -20.38 -38.52
CA GLU B 39 41.40 -19.36 -39.21
C GLU B 39 39.94 -19.75 -39.34
N LYS B 40 39.68 -20.99 -39.74
CA LYS B 40 38.30 -21.47 -39.93
C LYS B 40 38.37 -22.98 -40.04
N PHE B 41 37.21 -23.60 -40.34
CA PHE B 41 37.10 -25.04 -40.46
C PHE B 41 36.42 -25.37 -41.77
N ALA B 42 36.75 -26.53 -42.30
CA ALA B 42 36.06 -27.07 -43.46
C ALA B 42 35.33 -28.33 -43.05
N VAL B 43 34.09 -28.47 -43.49
CA VAL B 43 33.30 -29.69 -43.34
C VAL B 43 33.23 -30.35 -44.70
N LEU B 44 33.81 -31.53 -44.84
CA LEU B 44 33.83 -32.28 -46.09
C LEU B 44 32.91 -33.48 -45.93
N TYR B 45 32.06 -33.71 -46.93
CA TYR B 45 31.08 -34.79 -46.82
C TYR B 45 30.75 -35.32 -48.20
N GLN B 46 30.27 -36.57 -48.24
CA GLN B 46 29.84 -37.21 -49.46
C GLN B 46 28.87 -38.33 -49.11
N GLN B 47 28.03 -38.70 -50.08
CA GLN B 47 27.12 -39.82 -49.90
C GLN B 47 27.91 -41.12 -49.75
N LEU B 48 27.46 -41.99 -48.85
CA LEU B 48 28.07 -43.30 -48.72
C LEU B 48 27.49 -44.28 -49.73
N ASP B 49 26.16 -44.38 -49.79
CA ASP B 49 25.48 -45.26 -50.72
C ASP B 49 24.99 -44.44 -51.92
N GLY B 50 24.29 -45.10 -52.83
CA GLY B 50 23.95 -44.48 -54.09
C GLY B 50 25.18 -44.38 -54.98
N GLU B 51 25.00 -43.75 -56.14
CA GLU B 51 26.00 -43.77 -57.18
C GLU B 51 26.72 -42.45 -57.38
N ASP B 52 26.36 -41.40 -56.65
CA ASP B 52 27.01 -40.08 -56.80
C ASP B 52 27.92 -39.84 -55.61
N GLN B 53 29.14 -40.41 -55.68
CA GLN B 53 30.11 -40.33 -54.61
C GLN B 53 30.92 -39.04 -54.64
N THR B 54 30.40 -37.98 -55.28
CA THR B 54 31.13 -36.72 -55.34
C THR B 54 31.18 -36.06 -53.97
N LYS B 55 32.38 -35.68 -53.53
CA LYS B 55 32.54 -35.03 -52.25
C LYS B 55 32.32 -33.53 -52.38
N HIS B 56 31.74 -32.94 -51.33
CA HIS B 56 31.44 -31.52 -51.24
C HIS B 56 32.15 -30.95 -50.01
N GLU B 57 32.10 -29.63 -49.87
CA GLU B 57 32.79 -28.97 -48.78
C GLU B 57 32.06 -27.68 -48.42
N PHE B 58 31.91 -27.44 -47.12
CA PHE B 58 31.28 -26.25 -46.58
C PHE B 58 32.30 -25.58 -45.66
N LEU B 59 32.48 -24.27 -45.82
CA LEU B 59 33.45 -23.51 -45.06
C LEU B 59 32.74 -22.68 -43.99
N THR B 60 33.27 -22.74 -42.78
CA THR B 60 32.63 -21.96 -41.71
C THR B 60 33.11 -20.51 -41.77
N ASP B 61 32.37 -19.63 -41.09
CA ASP B 61 32.76 -18.24 -40.91
C ASP B 61 33.42 -18.14 -39.54
N GLY B 62 34.73 -17.93 -39.54
CA GLY B 62 35.43 -17.66 -38.31
C GLY B 62 35.97 -18.92 -37.64
N TYR B 63 36.70 -18.68 -36.56
CA TYR B 63 37.39 -19.73 -35.83
C TYR B 63 36.70 -20.11 -34.53
N GLN B 64 35.62 -19.44 -34.14
CA GLN B 64 34.96 -19.75 -32.89
C GLN B 64 33.67 -20.55 -33.01
N ASP B 65 32.97 -20.50 -34.13
CA ASP B 65 31.69 -21.19 -34.28
C ASP B 65 32.03 -22.64 -34.60
N LEU B 66 31.91 -23.51 -33.61
CA LEU B 66 32.28 -24.94 -33.68
C LEU B 66 31.13 -25.80 -34.15
N GLY B 67 30.53 -25.42 -35.26
CA GLY B 67 29.42 -26.21 -35.78
C GLY B 67 29.06 -25.76 -37.18
N ALA B 68 28.23 -26.60 -37.82
CA ALA B 68 27.69 -26.27 -39.11
C ALA B 68 26.42 -27.10 -39.29
N ILE B 69 25.41 -26.49 -39.86
CA ILE B 69 24.18 -27.20 -40.19
C ILE B 69 24.27 -27.59 -41.66
N LEU B 70 24.14 -28.88 -41.93
CA LEU B 70 24.13 -29.38 -43.30
C LEU B 70 22.70 -29.73 -43.66
N ASN B 71 22.15 -29.01 -44.65
CA ASN B 71 20.78 -29.24 -45.11
C ASN B 71 20.82 -29.89 -46.49
N ASN B 72 19.65 -30.11 -47.06
CA ASN B 72 19.54 -30.72 -48.38
C ASN B 72 20.28 -32.06 -48.42
N LEU B 73 20.25 -32.79 -47.30
CA LEU B 73 20.74 -34.15 -47.24
C LEU B 73 19.58 -35.08 -47.55
N LEU B 74 19.75 -35.93 -48.54
CA LEU B 74 18.65 -36.78 -48.98
C LEU B 74 18.19 -37.65 -47.81
N PRO B 75 16.87 -37.72 -47.55
CA PRO B 75 16.41 -38.50 -46.39
C PRO B 75 16.69 -39.99 -46.53
N ASN B 76 17.00 -40.63 -45.39
CA ASN B 76 17.38 -42.02 -45.25
C ASN B 76 18.73 -42.34 -45.90
N MET B 77 19.41 -41.34 -46.46
CA MET B 77 20.72 -41.55 -47.08
C MET B 77 21.80 -41.49 -46.01
N SER B 78 22.84 -42.30 -46.18
CA SER B 78 24.02 -42.26 -45.33
C SER B 78 25.07 -41.35 -45.94
N TYR B 79 25.67 -40.51 -45.10
CA TYR B 79 26.74 -39.58 -45.48
C TYR B 79 27.96 -39.83 -44.61
N VAL B 80 29.13 -39.54 -45.15
CA VAL B 80 30.40 -39.67 -44.44
C VAL B 80 31.03 -38.29 -44.41
N LEU B 81 31.40 -37.84 -43.21
CA LEU B 81 31.86 -36.48 -42.99
C LEU B 81 33.22 -36.43 -42.31
N GLN B 82 33.97 -35.37 -42.61
CA GLN B 82 35.22 -35.09 -41.93
C GLN B 82 35.32 -33.59 -41.72
N ILE B 83 35.99 -33.20 -40.65
CA ILE B 83 36.26 -31.80 -40.34
C ILE B 83 37.75 -31.61 -40.21
N VAL B 84 38.26 -30.53 -40.78
CA VAL B 84 39.67 -30.20 -40.71
C VAL B 84 39.79 -28.72 -40.41
N ALA B 85 40.77 -28.37 -39.59
CA ALA B 85 41.06 -26.97 -39.33
C ALA B 85 41.90 -26.38 -40.45
N ILE B 86 41.63 -25.12 -40.75
CA ILE B 86 42.41 -24.33 -41.70
C ILE B 86 43.17 -23.29 -40.88
N CYS B 87 44.51 -23.34 -40.91
CA CYS B 87 45.32 -22.46 -40.08
C CYS B 87 45.75 -21.22 -40.87
N THR B 88 46.13 -20.20 -40.14
CA THR B 88 46.46 -18.92 -40.74
C THR B 88 47.74 -18.96 -41.57
N ASN B 89 48.59 -19.96 -41.37
CA ASN B 89 49.83 -20.09 -42.12
C ASN B 89 49.66 -20.96 -43.35
N GLY B 90 48.41 -21.26 -43.74
CA GLY B 90 48.14 -22.03 -44.94
C GLY B 90 48.25 -23.53 -44.79
N LEU B 91 48.74 -24.03 -43.66
CA LEU B 91 48.74 -25.46 -43.43
C LEU B 91 47.34 -25.94 -43.01
N TYR B 92 47.18 -27.25 -42.94
CA TYR B 92 45.93 -27.87 -42.53
C TYR B 92 46.18 -28.81 -41.36
N GLY B 93 45.20 -28.92 -40.48
CA GLY B 93 45.33 -29.76 -39.32
C GLY B 93 45.05 -31.22 -39.61
N LYS B 94 45.08 -32.03 -38.55
CA LYS B 94 44.72 -33.43 -38.66
C LYS B 94 43.21 -33.55 -38.92
N TYR B 95 42.86 -34.41 -39.87
CA TYR B 95 41.45 -34.62 -40.20
C TYR B 95 40.76 -35.37 -39.07
N SER B 96 39.55 -34.95 -38.75
CA SER B 96 38.78 -35.66 -37.75
C SER B 96 38.53 -37.12 -38.19
N ASP B 97 38.04 -37.92 -37.26
CA ASP B 97 37.56 -39.25 -37.61
C ASP B 97 36.35 -39.14 -38.53
N GLN B 98 36.24 -40.07 -39.47
CA GLN B 98 35.08 -40.11 -40.35
C GLN B 98 33.84 -40.52 -39.54
N LEU B 99 32.72 -39.92 -39.88
CA LEU B 99 31.47 -40.14 -39.16
C LEU B 99 30.36 -40.37 -40.17
N ILE B 100 29.45 -41.30 -39.86
CA ILE B 100 28.35 -41.61 -40.74
C ILE B 100 27.01 -41.32 -40.10
N MET B 103 21.32 -40.72 -41.71
CA MET B 103 20.08 -39.94 -41.70
C MET B 103 18.86 -40.83 -41.43
N PRO B 104 17.95 -40.39 -40.53
CA PRO B 104 16.78 -41.22 -40.22
C PRO B 104 15.69 -41.16 -41.29
N ARG C 6 -0.50 53.46 46.57
CA ARG C 6 -0.48 52.31 45.63
C ARG C 6 -1.44 52.52 44.46
N VAL C 7 -0.87 52.57 43.25
CA VAL C 7 -1.66 52.89 42.06
C VAL C 7 -2.62 51.74 41.73
N PHE C 8 -2.16 50.49 41.86
CA PHE C 8 -2.99 49.34 41.54
C PHE C 8 -3.45 48.67 42.83
N PRO C 9 -4.67 48.92 43.30
CA PRO C 9 -5.07 48.34 44.60
C PRO C 9 -5.18 46.82 44.59
N HIS C 10 -5.52 46.20 43.45
CA HIS C 10 -5.64 44.75 43.35
C HIS C 10 -4.83 44.31 42.13
N PRO C 11 -3.51 44.20 42.27
CA PRO C 11 -2.67 43.92 41.11
C PRO C 11 -3.10 42.65 40.39
N GLN C 12 -3.21 42.75 39.06
CA GLN C 12 -3.60 41.59 38.24
C GLN C 12 -2.43 40.92 37.54
N ASP C 13 -1.21 41.44 37.74
CA ASP C 13 0.00 40.78 37.27
C ASP C 13 1.19 41.27 38.08
N CYS C 14 2.36 40.70 37.84
CA CYS C 14 3.55 41.06 38.61
C CYS C 14 4.08 42.42 38.21
N ALA C 15 3.79 42.90 36.99
CA ALA C 15 4.24 44.25 36.62
C ALA C 15 3.53 45.30 37.45
N GLN C 16 2.25 45.09 37.76
CA GLN C 16 1.55 46.05 38.61
C GLN C 16 2.06 46.01 40.05
N HIS C 17 2.50 44.85 40.53
CA HIS C 17 3.14 44.82 41.84
C HIS C 17 4.41 45.65 41.82
N LEU C 18 5.20 45.52 40.76
CA LEU C 18 6.43 46.29 40.63
C LEU C 18 6.16 47.80 40.67
N MET C 19 5.07 48.24 40.03
CA MET C 19 4.76 49.66 40.03
C MET C 19 4.20 50.12 41.37
N ASN C 20 3.66 49.23 42.19
CA ASN C 20 3.30 49.59 43.56
C ASN C 20 4.53 49.69 44.48
N GLY C 21 5.71 49.30 44.01
CA GLY C 21 6.93 49.38 44.81
C GLY C 21 7.48 48.08 45.34
N ASP C 22 6.93 46.93 44.97
CA ASP C 22 7.43 45.62 45.38
C ASP C 22 8.55 45.23 44.42
N THR C 23 9.78 45.22 44.91
CA THR C 23 10.94 44.99 44.05
C THR C 23 11.64 43.68 44.30
N LEU C 24 11.18 42.88 45.26
CA LEU C 24 11.83 41.60 45.59
C LEU C 24 11.09 40.44 44.95
N SER C 25 11.84 39.56 44.29
CA SER C 25 11.26 38.36 43.72
C SER C 25 10.73 37.47 44.83
N GLY C 26 9.61 36.81 44.57
CA GLY C 26 9.02 35.93 45.56
C GLY C 26 7.55 35.69 45.25
N VAL C 27 6.86 35.19 46.24
CA VAL C 27 5.45 34.84 46.11
C VAL C 27 4.59 36.06 46.37
N TYR C 28 3.69 36.34 45.43
CA TYR C 28 2.74 37.45 45.52
C TYR C 28 1.37 36.92 45.10
N PRO C 29 0.30 37.46 45.65
CA PRO C 29 -1.02 37.20 45.08
C PRO C 29 -1.28 38.14 43.91
N ILE C 30 -1.89 37.62 42.85
CA ILE C 30 -2.44 38.48 41.81
C ILE C 30 -3.94 38.24 41.73
N PHE C 31 -4.63 39.21 41.15
CA PHE C 31 -6.09 39.24 41.18
C PHE C 31 -6.57 39.38 39.74
N LEU C 32 -7.06 38.28 39.18
CA LEU C 32 -7.47 38.30 37.78
C LEU C 32 -8.55 39.34 37.58
N ASN C 33 -8.39 40.17 36.55
CA ASN C 33 -9.31 41.25 36.23
CA ASN C 33 -9.30 41.26 36.23
C ASN C 33 -9.47 42.23 37.40
N GLY C 34 -8.55 42.22 38.35
CA GLY C 34 -8.61 43.12 39.48
C GLY C 34 -9.64 42.76 40.53
N GLU C 35 -10.07 41.50 40.60
CA GLU C 35 -11.15 41.09 41.48
C GLU C 35 -10.61 40.24 42.62
N LEU C 36 -10.98 40.60 43.85
CA LEU C 36 -10.51 39.88 45.02
C LEU C 36 -10.96 38.42 45.01
N SER C 37 -12.16 38.18 44.48
CA SER C 37 -12.68 36.82 44.41
C SER C 37 -11.88 35.94 43.48
N GLN C 38 -10.94 36.49 42.72
CA GLN C 38 -10.14 35.72 41.74
C GLN C 38 -8.67 35.74 42.11
N LYS C 39 -8.38 35.58 43.39
CA LYS C 39 -7.01 35.55 43.87
C LYS C 39 -6.28 34.34 43.31
N LEU C 40 -5.01 34.53 42.98
CA LEU C 40 -4.14 33.44 42.55
C LEU C 40 -2.74 33.68 43.09
N GLN C 41 -2.12 32.65 43.64
CA GLN C 41 -0.75 32.73 44.11
C GLN C 41 0.22 32.48 42.97
N VAL C 42 1.19 33.38 42.81
CA VAL C 42 2.18 33.26 41.76
C VAL C 42 3.54 33.63 42.32
N TYR C 43 4.59 33.32 41.54
CA TYR C 43 5.95 33.71 41.83
C TYR C 43 6.32 34.81 40.85
N CYS C 44 6.76 35.96 41.39
CA CYS C 44 7.13 37.11 40.56
C CYS C 44 8.65 37.18 40.44
N ASP C 45 9.15 37.23 39.20
CA ASP C 45 10.57 37.49 38.93
C ASP C 45 10.69 38.99 38.76
N MET C 46 11.34 39.64 39.71
CA MET C 46 11.40 41.09 39.75
C MET C 46 12.74 41.62 39.30
N THR C 47 13.57 40.80 38.69
CA THR C 47 14.92 41.23 38.30
C THR C 47 15.20 41.12 36.81
N THR C 48 14.73 40.08 36.14
CA THR C 48 15.05 39.83 34.74
C THR C 48 14.45 40.92 33.86
N ASP C 49 15.31 41.66 33.18
CA ASP C 49 14.91 42.66 32.19
C ASP C 49 13.96 43.66 32.81
N GLY C 50 14.34 44.13 34.01
CA GLY C 50 13.55 45.11 34.71
C GLY C 50 12.53 44.57 35.66
N GLY C 51 12.27 43.25 35.65
CA GLY C 51 11.33 42.68 36.58
C GLY C 51 9.90 42.72 36.09
N GLY C 52 9.04 42.08 36.87
CA GLY C 52 7.63 42.12 36.59
C GLY C 52 7.09 40.94 35.85
N TRP C 53 7.75 39.80 35.91
CA TRP C 53 7.32 38.60 35.22
C TRP C 53 6.60 37.62 36.16
N ILE C 54 5.46 37.12 35.73
CA ILE C 54 4.84 35.97 36.39
C ILE C 54 5.55 34.73 35.87
N VAL C 55 6.18 33.99 36.76
CA VAL C 55 6.77 32.70 36.39
C VAL C 55 5.66 31.66 36.45
N PHE C 56 5.48 30.91 35.35
CA PHE C 56 4.43 29.91 35.30
C PHE C 56 4.93 28.48 35.10
N GLN C 57 6.24 28.28 35.04
CA GLN C 57 6.84 26.97 34.92
C GLN C 57 8.31 27.11 35.34
N ARG C 58 8.79 26.18 36.15
CA ARG C 58 10.20 26.07 36.51
C ARG C 58 10.63 24.62 36.63
N ARG C 59 11.78 24.30 36.06
CA ARG C 59 12.53 23.09 36.32
C ARG C 59 13.89 23.47 36.85
N GLN C 60 14.35 22.76 37.89
CA GLN C 60 15.67 23.09 38.45
C GLN C 60 16.39 21.93 39.16
N ASN C 61 15.69 20.84 39.47
CA ASN C 61 16.33 19.76 40.22
C ASN C 61 15.74 18.38 39.95
N GLY C 62 14.59 18.31 39.27
CA GLY C 62 14.01 17.04 38.96
C GLY C 62 13.27 16.34 40.08
N GLN C 63 13.09 17.00 41.22
CA GLN C 63 12.42 16.35 42.33
C GLN C 63 10.91 16.23 42.13
N THR C 64 10.34 16.97 41.20
CA THR C 64 8.90 16.99 40.97
C THR C 64 8.58 16.26 39.67
N ASP C 65 7.59 15.37 39.73
CA ASP C 65 7.16 14.63 38.54
C ASP C 65 6.35 15.52 37.62
N PHE C 66 6.72 15.55 36.34
CA PHE C 66 6.02 16.35 35.32
C PHE C 66 5.29 15.49 34.30
N PHE C 67 5.33 14.14 34.45
CA PHE C 67 4.66 13.25 33.50
C PHE C 67 3.27 12.96 34.05
N ARG C 68 2.38 13.92 33.89
CA ARG C 68 1.03 13.84 34.48
C ARG C 68 0.01 13.98 33.37
N LYS C 69 -1.26 13.96 33.77
CA LYS C 69 -2.37 13.88 32.85
C LYS C 69 -3.03 15.23 32.65
N TRP C 70 -3.98 15.24 31.72
CA TRP C 70 -4.66 16.48 31.37
C TRP C 70 -5.20 17.23 32.57
N ALA C 71 -5.78 16.50 33.53
CA ALA C 71 -6.39 17.17 34.67
C ALA C 71 -5.36 17.90 35.51
N ASP C 72 -4.18 17.32 35.72
CA ASP C 72 -3.13 17.99 36.49
C ASP C 72 -2.60 19.22 35.76
N TYR C 73 -2.41 19.11 34.44
CA TYR C 73 -1.92 20.26 33.70
C TYR C 73 -2.98 21.34 33.55
N ARG C 74 -4.25 20.96 33.58
CA ARG C 74 -5.31 21.98 33.60
C ARG C 74 -5.29 22.78 34.89
N VAL C 75 -5.08 22.11 36.02
CA VAL C 75 -5.24 22.75 37.33
C VAL C 75 -3.93 23.32 37.85
N GLY C 76 -2.81 22.75 37.46
CA GLY C 76 -1.52 23.15 37.98
C GLY C 76 -1.06 22.27 39.12
N PHE C 77 0.27 22.20 39.30
CA PHE C 77 0.83 21.35 40.32
C PHE C 77 2.19 21.89 40.72
N GLY C 78 2.68 21.44 41.88
CA GLY C 78 3.98 21.82 42.38
C GLY C 78 3.95 23.13 43.18
N ASN C 79 5.09 23.43 43.78
CA ASN C 79 5.27 24.60 44.62
C ASN C 79 5.87 25.75 43.80
N VAL C 80 5.23 26.92 43.84
CA VAL C 80 5.66 28.01 42.98
C VAL C 80 7.06 28.50 43.36
N GLU C 81 7.54 28.17 44.55
CA GLU C 81 8.91 28.51 44.95
C GLU C 81 9.92 27.45 44.53
N ASP C 82 9.47 26.34 43.95
CA ASP C 82 10.38 25.28 43.49
C ASP C 82 10.02 24.89 42.06
N GLU C 83 9.78 23.61 41.78
CA GLU C 83 9.38 23.19 40.43
C GLU C 83 7.86 23.14 40.37
N PHE C 84 7.28 23.62 39.27
CA PHE C 84 5.84 23.74 39.23
C PHE C 84 5.36 24.04 37.80
N TRP C 85 4.07 23.87 37.63
CA TRP C 85 3.31 24.24 36.45
C TRP C 85 2.07 24.98 36.94
N LEU C 86 1.92 26.24 36.54
CA LEU C 86 0.91 27.09 37.10
C LEU C 86 -0.51 26.64 36.78
N GLY C 87 -0.70 25.94 35.66
CA GLY C 87 -2.01 25.44 35.25
C GLY C 87 -2.45 26.13 33.96
N LEU C 88 -3.03 25.36 33.04
CA LEU C 88 -3.47 25.89 31.75
C LEU C 88 -4.63 26.86 31.90
N ASP C 89 -5.62 26.50 32.74
CA ASP C 89 -6.72 27.43 32.98
C ASP C 89 -6.19 28.78 33.51
N ASN C 90 -5.23 28.73 34.43
CA ASN C 90 -4.67 29.98 34.96
C ASN C 90 -3.93 30.75 33.89
N ILE C 91 -3.11 30.06 33.08
CA ILE C 91 -2.36 30.76 32.05
C ILE C 91 -3.28 31.37 31.01
N HIS C 92 -4.35 30.66 30.67
CA HIS C 92 -5.34 31.23 29.75
C HIS C 92 -5.95 32.51 30.33
N ARG C 93 -6.38 32.47 31.60
CA ARG C 93 -7.04 33.62 32.19
C ARG C 93 -6.12 34.81 32.28
N ILE C 94 -4.86 34.60 32.67
CA ILE C 94 -3.92 35.69 32.76
C ILE C 94 -3.65 36.30 31.38
N THR C 95 -3.28 35.46 30.41
CA THR C 95 -2.98 35.98 29.07
C THR C 95 -4.20 36.58 28.39
N SER C 96 -5.40 36.31 28.87
CA SER C 96 -6.60 36.94 28.33
C SER C 96 -6.79 38.37 28.80
N GLN C 97 -5.99 38.85 29.76
CA GLN C 97 -6.18 40.20 30.30
C GLN C 97 -5.64 41.29 29.38
N GLY C 98 -4.77 40.95 28.44
CA GLY C 98 -4.16 41.95 27.58
C GLY C 98 -3.03 41.31 26.79
N ARG C 99 -2.23 42.15 26.16
CA ARG C 99 -1.11 41.65 25.38
C ARG C 99 0.05 41.29 26.31
N TYR C 100 0.41 40.02 26.34
CA TYR C 100 1.51 39.50 27.15
C TYR C 100 2.67 39.06 26.26
N GLU C 101 3.86 39.11 26.84
CA GLU C 101 5.09 38.66 26.22
C GLU C 101 5.57 37.45 27.00
N LEU C 102 6.22 36.55 26.30
CA LEU C 102 6.77 35.34 26.90
C LEU C 102 8.29 35.43 26.90
N ARG C 103 8.90 35.05 28.01
CA ARG C 103 10.33 34.86 28.08
C ARG C 103 10.64 33.49 28.68
N VAL C 104 11.63 32.82 28.10
CA VAL C 104 12.12 31.55 28.57
C VAL C 104 13.60 31.73 28.89
N ASP C 105 13.96 31.49 30.13
CA ASP C 105 15.33 31.63 30.63
C ASP C 105 15.87 30.23 30.94
N MET C 106 17.09 29.94 30.47
CA MET C 106 17.65 28.60 30.61
CA MET C 106 17.66 28.61 30.60
C MET C 106 19.13 28.72 30.95
N ARG C 107 19.62 27.77 31.74
CA ARG C 107 21.00 27.73 32.15
C ARG C 107 21.52 26.30 32.10
N ASP C 108 22.75 26.15 31.65
CA ASP C 108 23.51 24.91 31.73
C ASP C 108 24.77 25.25 32.53
N GLY C 109 24.74 25.02 33.84
CA GLY C 109 25.81 25.44 34.69
C GLY C 109 26.01 26.94 34.63
N GLN C 110 27.15 27.37 34.09
CA GLN C 110 27.42 28.80 33.95
C GLN C 110 26.88 29.38 32.65
N GLU C 111 26.63 28.56 31.64
CA GLU C 111 26.13 29.05 30.37
C GLU C 111 24.64 29.36 30.47
N ALA C 112 24.24 30.55 30.00
CA ALA C 112 22.85 30.97 30.03
C ALA C 112 22.40 31.35 28.62
N ALA C 113 21.08 31.27 28.39
CA ALA C 113 20.49 31.69 27.14
C ALA C 113 19.03 32.05 27.39
N PHE C 114 18.44 32.81 26.48
CA PHE C 114 17.05 33.18 26.66
C PHE C 114 16.35 33.18 25.32
N ALA C 115 15.03 33.10 25.36
CA ALA C 115 14.19 33.23 24.18
C ALA C 115 12.96 34.03 24.59
N SER C 116 12.57 35.01 23.81
CA SER C 116 11.41 35.83 24.12
C SER C 116 10.55 35.98 22.88
N TYR C 117 9.26 36.14 23.12
CA TYR C 117 8.24 36.32 22.09
C TYR C 117 7.33 37.47 22.52
N ASP C 118 7.18 38.43 21.64
CA ASP C 118 6.52 39.69 21.93
C ASP C 118 5.02 39.61 21.85
N ARG C 119 4.46 38.41 21.66
CA ARG C 119 3.05 38.14 21.90
C ARG C 119 2.99 36.73 22.47
N PHE C 120 2.01 36.49 23.35
CA PHE C 120 1.85 35.18 23.97
C PHE C 120 0.44 35.03 24.51
N SER C 121 -0.26 33.99 24.07
CA SER C 121 -1.53 33.65 24.70
C SER C 121 -1.76 32.16 24.60
N VAL C 122 -2.58 31.65 25.50
CA VAL C 122 -3.11 30.29 25.47
C VAL C 122 -4.62 30.39 25.36
N GLU C 123 -5.20 29.68 24.39
CA GLU C 123 -6.64 29.76 24.22
C GLU C 123 -7.35 28.95 25.30
N ASP C 124 -8.67 28.93 25.26
CA ASP C 124 -9.44 28.33 26.35
C ASP C 124 -9.52 26.82 26.17
N SER C 125 -10.22 26.18 27.11
CA SER C 125 -10.25 24.71 27.14
C SER C 125 -10.95 24.16 25.92
N ARG C 126 -12.02 24.82 25.46
CA ARG C 126 -12.72 24.36 24.27
C ARG C 126 -11.79 24.34 23.08
N ASN C 127 -10.91 25.35 22.98
CA ASN C 127 -9.89 25.40 21.93
C ASN C 127 -8.61 24.66 22.34
N LEU C 128 -8.67 23.84 23.39
CA LEU C 128 -7.58 22.95 23.74
C LEU C 128 -6.29 23.69 24.09
N TYR C 129 -6.40 24.91 24.61
CA TYR C 129 -5.24 25.64 25.10
C TYR C 129 -4.17 25.85 24.01
N LYS C 130 -4.62 26.06 22.79
CA LYS C 130 -3.70 26.32 21.69
C LYS C 130 -2.73 27.46 22.00
N LEU C 131 -1.50 27.31 21.56
CA LEU C 131 -0.44 28.27 21.79
C LEU C 131 -0.43 29.33 20.69
N ARG C 132 -0.31 30.59 21.10
CA ARG C 132 -0.12 31.71 20.17
C ARG C 132 1.12 32.47 20.61
N ILE C 133 2.07 32.71 19.71
CA ILE C 133 3.27 33.45 20.05
C ILE C 133 3.64 34.38 18.91
N GLY C 134 4.32 35.48 19.26
CA GLY C 134 4.69 36.51 18.32
C GLY C 134 6.15 36.42 17.91
N SER C 135 6.74 37.58 17.63
CA SER C 135 8.08 37.63 17.07
C SER C 135 9.15 37.25 18.08
N TYR C 136 10.15 36.52 17.60
CA TYR C 136 11.21 35.99 18.43
C TYR C 136 12.33 37.00 18.61
N ASN C 137 12.94 36.98 19.79
CA ASN C 137 14.20 37.66 20.07
C ASN C 137 14.92 36.85 21.13
N GLY C 138 16.19 36.54 20.92
CA GLY C 138 16.87 35.79 21.97
C GLY C 138 18.23 35.29 21.54
N THR C 139 18.85 34.54 22.45
CA THR C 139 20.12 33.87 22.22
C THR C 139 20.00 32.34 22.18
N ALA C 140 18.90 31.78 22.62
CA ALA C 140 18.71 30.33 22.60
C ALA C 140 18.31 29.76 21.24
N GLY C 141 17.97 30.58 20.28
CA GLY C 141 17.38 30.15 19.04
C GLY C 141 15.88 30.01 19.13
N ASP C 142 15.22 30.13 17.97
CA ASP C 142 13.74 30.15 17.97
C ASP C 142 13.23 28.74 17.74
N SER C 143 13.18 27.95 18.82
CA SER C 143 12.67 26.59 18.76
C SER C 143 11.19 26.50 19.05
N LEU C 144 10.58 27.54 19.63
CA LEU C 144 9.18 27.46 19.99
C LEU C 144 8.26 27.80 18.84
N SER C 145 8.72 28.56 17.82
CA SER C 145 7.83 28.88 16.70
C SER C 145 7.35 27.62 15.98
N TYR C 146 8.14 26.55 16.02
CA TYR C 146 7.68 25.27 15.50
C TYR C 146 6.29 24.91 16.02
N HIS C 147 6.00 25.28 17.25
CA HIS C 147 4.79 24.90 17.96
C HIS C 147 3.66 25.90 17.78
N GLN C 148 3.83 26.88 16.90
CA GLN C 148 2.84 27.94 16.70
C GLN C 148 1.48 27.34 16.37
N GLY C 149 0.47 27.73 17.16
CA GLY C 149 -0.90 27.40 16.86
C GLY C 149 -1.28 25.97 17.15
N ARG C 150 -0.48 25.23 17.88
CA ARG C 150 -0.82 23.84 18.15
CA ARG C 150 -0.80 23.84 18.16
C ARG C 150 -1.54 23.73 19.49
N PRO C 151 -2.43 22.75 19.62
CA PRO C 151 -3.07 22.50 20.91
C PRO C 151 -2.15 21.79 21.90
N PHE C 152 -2.51 21.87 23.16
CA PHE C 152 -1.79 21.19 24.21
C PHE C 152 -2.17 19.70 24.19
N SER C 153 -1.21 18.86 24.54
CA SER C 153 -1.39 17.39 24.61
C SER C 153 -0.72 16.84 25.86
N THR C 154 -1.37 15.87 26.49
CA THR C 154 -0.82 15.05 27.56
C THR C 154 -0.87 13.60 27.14
N GLU C 155 -0.23 12.76 27.93
CA GLU C 155 -0.14 11.34 27.58
C GLU C 155 -1.51 10.70 27.45
N ASP C 156 -2.49 11.18 28.21
CA ASP C 156 -3.84 10.66 28.16
C ASP C 156 -4.79 11.45 27.29
N ARG C 157 -4.32 12.52 26.62
CA ARG C 157 -5.16 13.35 25.76
C ARG C 157 -4.31 13.74 24.55
N ASP C 158 -4.39 12.95 23.49
CA ASP C 158 -3.53 13.12 22.31
C ASP C 158 -4.23 14.08 21.35
N ASN C 159 -3.69 15.28 21.22
CA ASN C 159 -4.19 16.27 20.27
C ASN C 159 -3.15 16.63 19.20
N ASP C 160 -2.04 15.91 19.12
CA ASP C 160 -1.00 16.25 18.16
C ASP C 160 -1.42 15.81 16.76
N VAL C 161 -0.55 16.06 15.77
CA VAL C 161 -0.82 15.62 14.40
C VAL C 161 0.07 14.45 13.99
N ALA C 162 0.56 13.70 14.95
CA ALA C 162 1.40 12.53 14.71
C ALA C 162 0.58 11.26 14.90
N VAL C 163 0.95 10.22 14.16
CA VAL C 163 0.31 8.91 14.32
CA VAL C 163 0.27 8.94 14.34
C VAL C 163 0.57 8.39 15.72
N THR C 164 1.78 8.59 16.23
CA THR C 164 2.11 8.13 17.57
C THR C 164 1.59 9.14 18.61
N ASN C 165 1.90 8.86 19.87
CA ASN C 165 1.50 9.68 21.01
C ASN C 165 2.74 10.47 21.45
N CYS C 166 2.82 11.73 21.02
CA CYS C 166 4.03 12.51 21.30
C CYS C 166 4.25 12.64 22.81
N ALA C 167 3.20 12.97 23.57
CA ALA C 167 3.34 13.11 25.01
C ALA C 167 3.87 11.84 25.66
N MET C 168 3.31 10.69 25.28
CA MET C 168 3.77 9.41 25.85
C MET C 168 5.18 9.10 25.41
N SER C 169 5.48 9.30 24.13
CA SER C 169 6.79 8.88 23.62
C SER C 169 7.92 9.75 24.19
N TYR C 170 7.68 11.04 24.38
CA TYR C 170 8.73 11.96 24.82
C TYR C 170 8.47 12.50 26.21
N LYS C 171 7.69 11.77 27.00
CA LYS C 171 7.68 11.87 28.45
C LYS C 171 7.39 13.29 28.91
N GLY C 172 6.40 13.91 28.30
CA GLY C 172 6.08 15.29 28.61
C GLY C 172 4.63 15.68 28.39
N ALA C 173 4.40 16.99 28.37
CA ALA C 173 3.09 17.56 28.11
C ALA C 173 3.38 18.87 27.42
N TRP C 174 2.81 19.10 26.24
CA TRP C 174 3.27 20.23 25.43
C TRP C 174 2.33 20.44 24.27
N TRP C 175 2.52 21.56 23.56
CA TRP C 175 1.85 21.88 22.31
C TRP C 175 2.49 21.15 21.14
N TYR C 176 2.42 19.83 21.19
CA TYR C 176 3.17 18.99 20.26
C TYR C 176 2.59 19.03 18.85
N LYS C 177 3.47 18.94 17.87
CA LYS C 177 3.09 18.81 16.47
C LYS C 177 3.42 17.39 16.07
N ASN C 178 4.62 17.11 15.56
CA ASN C 178 5.05 15.74 15.27
C ASN C 178 6.58 15.61 15.25
N CYS C 179 7.25 15.89 16.39
CA CYS C 179 6.60 16.12 17.66
C CYS C 179 7.00 17.45 18.29
N HIS C 180 8.30 17.72 18.41
CA HIS C 180 8.70 18.94 19.10
C HIS C 180 10.10 19.41 18.73
N ARG C 181 10.34 20.70 19.00
CA ARG C 181 11.67 21.26 19.07
C ARG C 181 11.97 21.80 20.44
N THR C 182 10.96 21.95 21.29
CA THR C 182 11.11 22.27 22.70
C THR C 182 10.26 21.30 23.50
N ASN C 183 10.77 20.89 24.66
CA ASN C 183 10.06 19.88 25.47
C ASN C 183 10.30 20.16 26.95
N LEU C 184 9.87 21.35 27.42
CA LEU C 184 10.31 21.84 28.71
C LEU C 184 9.59 21.19 29.88
N ASN C 185 8.49 20.48 29.64
CA ASN C 185 7.87 19.64 30.65
C ASN C 185 8.30 18.18 30.56
N GLY C 186 9.37 17.92 29.85
CA GLY C 186 9.88 16.58 29.69
C GLY C 186 10.63 16.04 30.90
N LYS C 187 11.31 14.92 30.68
CA LYS C 187 11.88 14.17 31.79
C LYS C 187 13.20 14.79 32.22
N TYR C 188 13.30 15.12 33.49
CA TYR C 188 14.47 15.83 33.98
C TYR C 188 15.71 14.95 33.87
N GLY C 189 16.78 15.53 33.33
CA GLY C 189 18.05 14.84 33.24
C GLY C 189 18.13 13.75 32.21
N GLU C 190 17.11 13.58 31.39
CA GLU C 190 17.03 12.47 30.45
C GLU C 190 17.70 12.86 29.14
N SER C 191 18.79 12.19 28.78
CA SER C 191 19.50 12.50 27.54
C SER C 191 19.05 11.66 26.35
N ARG C 192 18.21 10.65 26.57
CA ARG C 192 17.68 9.87 25.44
C ARG C 192 16.98 10.82 24.47
N HIS C 193 17.21 10.61 23.17
CA HIS C 193 16.76 11.53 22.13
C HIS C 193 15.32 11.96 22.30
N SER C 194 15.12 13.26 22.44
CA SER C 194 13.86 14.01 22.46
C SER C 194 13.04 13.77 23.70
N GLN C 195 13.54 13.02 24.69
CA GLN C 195 12.74 12.67 25.86
C GLN C 195 12.98 13.62 27.02
N GLY C 196 14.05 14.41 26.98
CA GLY C 196 14.40 15.29 28.07
C GLY C 196 13.91 16.71 27.85
N ILE C 197 14.45 17.61 28.68
CA ILE C 197 14.06 19.01 28.67
C ILE C 197 14.88 19.68 27.57
N ASN C 198 14.36 19.66 26.35
CA ASN C 198 15.11 20.07 25.17
C ASN C 198 14.74 21.48 24.76
N TRP C 199 15.72 22.22 24.29
CA TRP C 199 15.54 23.45 23.52
C TRP C 199 16.44 23.27 22.30
N TYR C 200 15.88 22.82 21.17
CA TYR C 200 16.71 22.19 20.14
C TYR C 200 17.79 23.13 19.63
N HIS C 201 17.42 24.38 19.31
CA HIS C 201 18.41 25.27 18.67
C HIS C 201 19.51 25.71 19.62
N TRP C 202 19.39 25.42 20.91
CA TRP C 202 20.47 25.73 21.85
C TRP C 202 21.36 24.53 22.11
N LYS C 203 20.77 23.37 22.44
CA LYS C 203 21.55 22.22 22.83
C LYS C 203 21.10 20.91 22.19
N GLY C 204 20.21 20.94 21.20
CA GLY C 204 19.83 19.73 20.50
C GLY C 204 18.82 18.84 21.23
N HIS C 205 18.71 17.62 20.74
CA HIS C 205 17.72 16.69 21.28
C HIS C 205 18.27 15.66 22.27
N GLU C 206 19.56 15.63 22.48
CA GLU C 206 20.17 14.67 23.40
C GLU C 206 20.85 15.36 24.57
N PHE C 207 20.43 16.58 24.89
CA PHE C 207 20.86 17.28 26.10
C PHE C 207 19.61 17.76 26.83
N SER C 208 19.52 17.42 28.10
CA SER C 208 18.44 17.88 28.97
C SER C 208 18.94 19.11 29.74
N ILE C 209 18.22 20.21 29.59
CA ILE C 209 18.63 21.48 30.21
C ILE C 209 18.33 21.42 31.70
N PRO C 210 19.28 21.71 32.59
CA PRO C 210 19.04 21.53 34.03
C PRO C 210 18.27 22.67 34.70
N PHE C 211 18.17 23.85 34.10
CA PHE C 211 17.39 24.92 34.70
C PHE C 211 16.59 25.62 33.61
N VAL C 212 15.28 25.76 33.83
CA VAL C 212 14.45 26.51 32.90
CA VAL C 212 14.39 26.45 32.88
C VAL C 212 13.33 27.20 33.67
N GLU C 213 13.00 28.40 33.24
CA GLU C 213 11.86 29.16 33.75
C GLU C 213 11.10 29.75 32.56
N MET C 214 9.79 29.59 32.57
CA MET C 214 8.90 30.23 31.59
C MET C 214 8.12 31.32 32.31
N LYS C 215 8.07 32.53 31.72
CA LYS C 215 7.48 33.65 32.44
C LYS C 215 6.81 34.61 31.47
N MET C 216 5.88 35.40 31.98
CA MET C 216 5.10 36.30 31.12
C MET C 216 4.89 37.65 31.80
N ARG C 217 4.74 38.68 30.97
CA ARG C 217 4.61 40.07 31.43
C ARG C 217 3.81 40.84 30.41
N PRO C 218 2.98 41.81 30.85
CA PRO C 218 2.30 42.68 29.88
C PRO C 218 3.30 43.39 28.98
N TYR C 219 3.05 43.38 27.68
CA TYR C 219 3.88 44.13 26.76
C TYR C 219 3.94 45.62 27.11
N ASN C 220 2.83 46.16 27.63
CA ASN C 220 2.82 47.60 27.90
C ASN C 220 3.79 48.03 28.98
N HIS C 221 4.36 47.09 29.73
CA HIS C 221 5.41 47.43 30.70
C HIS C 221 6.60 48.08 30.01
N ARG C 222 6.81 47.78 28.73
CA ARG C 222 7.89 48.43 28.00
C ARG C 222 7.75 49.95 28.01
N LEU C 223 6.53 50.43 28.15
CA LEU C 223 6.26 51.87 28.03
C LEU C 223 6.31 52.62 29.34
N MET C 224 6.32 51.96 30.47
CA MET C 224 6.21 52.62 31.77
C MET C 224 7.31 52.18 32.74
N VAL D 5 26.42 2.13 8.08
CA VAL D 5 26.46 3.59 8.11
C VAL D 5 25.11 4.14 8.56
N CYS D 6 25.06 5.47 8.76
CA CYS D 6 23.86 6.18 9.17
C CYS D 6 23.39 5.78 10.56
N SER D 7 22.92 4.53 10.72
CA SER D 7 22.38 4.13 12.01
C SER D 7 22.20 2.62 12.07
N SER D 8 21.90 2.14 13.28
CA SER D 8 21.45 0.76 13.46
C SER D 8 19.96 0.67 13.09
N GLU D 9 19.36 -0.47 13.32
CA GLU D 9 18.03 -0.74 12.77
C GLU D 9 16.92 -0.26 13.70
N PRO D 10 15.78 0.16 13.15
CA PRO D 10 14.62 0.43 14.01
C PRO D 10 14.25 -0.82 14.80
N GLU D 11 13.76 -0.62 16.01
CA GLU D 11 13.56 -1.69 16.97
C GLU D 11 12.09 -1.90 17.28
N ASN D 12 11.78 -3.10 17.77
CA ASN D 12 10.44 -3.48 18.18
C ASN D 12 9.36 -3.00 17.21
N VAL D 13 9.55 -3.33 15.94
CA VAL D 13 8.51 -3.05 14.94
C VAL D 13 7.26 -3.84 15.28
N GLN D 14 6.14 -3.15 15.35
CA GLN D 14 4.85 -3.76 15.59
C GLN D 14 3.85 -3.22 14.57
N ALA D 15 2.90 -4.05 14.20
CA ALA D 15 1.88 -3.67 13.24
C ALA D 15 0.59 -4.42 13.54
N ASP D 16 -0.53 -3.74 13.35
CA ASP D 16 -1.86 -4.34 13.58
C ASP D 16 -2.84 -3.66 12.64
N PRO D 17 -3.78 -4.40 12.08
CA PRO D 17 -4.82 -3.76 11.27
C PRO D 17 -5.54 -2.67 12.05
N GLU D 18 -5.80 -1.56 11.38
CA GLU D 18 -6.63 -0.49 11.94
C GLU D 18 -8.08 -0.61 11.48
N ASN D 19 -8.31 -1.07 10.26
CA ASN D 19 -9.63 -1.38 9.74
C ASN D 19 -9.41 -2.36 8.58
N TYR D 20 -10.42 -2.50 7.72
CA TYR D 20 -10.34 -3.52 6.67
C TYR D 20 -9.22 -3.23 5.69
N THR D 21 -8.86 -1.95 5.49
CA THR D 21 -7.97 -1.58 4.40
C THR D 21 -6.74 -0.81 4.87
N SER D 22 -6.44 -0.81 6.16
CA SER D 22 -5.29 -0.03 6.64
C SER D 22 -4.68 -0.68 7.86
N LEU D 23 -3.40 -0.41 8.06
CA LEU D 23 -2.71 -0.90 9.25
C LEU D 23 -1.82 0.17 9.85
N LEU D 24 -1.67 0.10 11.15
CA LEU D 24 -0.81 0.99 11.92
C LEU D 24 0.49 0.26 12.20
N VAL D 25 1.60 0.86 11.81
CA VAL D 25 2.94 0.36 12.07
CA VAL D 25 2.93 0.35 12.10
C VAL D 25 3.62 1.29 13.06
N THR D 26 4.27 0.72 14.08
CA THR D 26 5.03 1.51 15.05
C THR D 26 6.39 0.87 15.20
N TRP D 27 7.35 1.66 15.66
CA TRP D 27 8.70 1.17 15.91
C TRP D 27 9.37 2.09 16.92
N GLU D 28 10.57 1.70 17.35
CA GLU D 28 11.38 2.49 18.27
C GLU D 28 12.62 3.00 17.55
N ARG D 29 13.12 4.14 18.02
CA ARG D 29 14.27 4.76 17.41
C ARG D 29 15.47 3.80 17.43
N PRO D 30 16.30 3.81 16.40
CA PRO D 30 17.52 2.98 16.44
C PRO D 30 18.35 3.27 17.68
N ARG D 31 19.04 2.24 18.14
CA ARG D 31 19.89 2.35 19.33
C ARG D 31 21.10 3.23 19.07
N VAL D 32 21.69 3.14 17.87
CA VAL D 32 22.95 3.81 17.57
C VAL D 32 22.79 4.64 16.30
N VAL D 33 23.21 5.90 16.38
CA VAL D 33 23.37 6.75 15.21
C VAL D 33 24.84 7.18 15.16
N TYR D 34 25.47 7.04 14.00
CA TYR D 34 26.92 7.15 13.92
C TYR D 34 27.41 8.57 13.74
N ASP D 35 27.58 9.03 12.50
CA ASP D 35 28.22 10.31 12.23
C ASP D 35 27.30 11.29 11.51
N THR D 36 26.02 11.26 11.83
CA THR D 36 25.02 12.11 11.19
C THR D 36 23.73 11.97 11.98
N MET D 37 22.72 12.76 11.61
CA MET D 37 21.44 12.75 12.30
C MET D 37 20.37 12.13 11.40
N ILE D 38 19.50 11.32 12.01
CA ILE D 38 18.36 10.77 11.27
C ILE D 38 17.44 11.91 10.85
N GLU D 39 17.02 11.88 9.59
CA GLU D 39 16.10 12.87 9.03
C GLU D 39 14.67 12.35 8.89
N LYS D 40 14.52 11.09 8.55
CA LYS D 40 13.20 10.50 8.38
C LYS D 40 13.35 8.99 8.32
N PHE D 41 12.21 8.29 8.26
CA PHE D 41 12.19 6.82 8.14
C PHE D 41 11.42 6.46 6.88
N ALA D 42 11.78 5.32 6.30
CA ALA D 42 11.08 4.74 5.18
C ALA D 42 10.42 3.46 5.64
N VAL D 43 9.15 3.30 5.29
CA VAL D 43 8.38 2.10 5.58
C VAL D 43 8.24 1.35 4.27
N LEU D 44 8.90 0.21 4.15
CA LEU D 44 8.79 -0.62 2.95
C LEU D 44 7.74 -1.70 3.19
N TYR D 45 6.91 -1.94 2.19
CA TYR D 45 5.91 -2.99 2.30
C TYR D 45 5.66 -3.62 0.95
N GLN D 46 5.35 -4.91 0.96
CA GLN D 46 5.06 -5.63 -0.27
C GLN D 46 3.99 -6.66 0.04
N GLN D 47 3.10 -6.88 -0.92
CA GLN D 47 2.17 -8.00 -0.82
C GLN D 47 2.93 -9.32 -0.82
N LEU D 48 2.44 -10.28 -0.03
CA LEU D 48 3.07 -11.60 -0.01
C LEU D 48 2.63 -12.42 -1.20
N ASP D 49 1.34 -12.42 -1.51
CA ASP D 49 0.79 -13.07 -2.69
C ASP D 49 0.11 -12.03 -3.57
N GLY D 50 -0.31 -12.47 -4.75
CA GLY D 50 -0.98 -11.59 -5.69
C GLY D 50 -0.10 -11.25 -6.87
N GLU D 51 -0.58 -10.28 -7.66
CA GLU D 51 0.12 -9.89 -8.88
C GLU D 51 1.13 -8.78 -8.65
N ASP D 52 0.92 -7.94 -7.64
CA ASP D 52 1.86 -6.86 -7.31
C ASP D 52 2.62 -7.27 -6.05
N GLN D 53 3.77 -7.91 -6.26
CA GLN D 53 4.66 -8.28 -5.16
C GLN D 53 5.88 -7.38 -5.09
N THR D 54 5.86 -6.24 -5.77
CA THR D 54 6.95 -5.28 -5.67
C THR D 54 6.96 -4.61 -4.30
N LYS D 55 8.10 -4.01 -3.97
CA LYS D 55 8.26 -3.29 -2.71
C LYS D 55 7.82 -1.83 -2.88
N HIS D 56 6.89 -1.39 -2.04
CA HIS D 56 6.47 0.00 -1.98
C HIS D 56 7.19 0.69 -0.83
N GLU D 57 7.14 2.02 -0.82
CA GLU D 57 7.92 2.80 0.13
C GLU D 57 7.14 4.04 0.53
N PHE D 58 6.82 4.15 1.82
CA PHE D 58 6.20 5.33 2.39
C PHE D 58 7.25 6.04 3.24
N LEU D 59 7.42 7.34 3.00
CA LEU D 59 8.37 8.16 3.74
C LEU D 59 7.67 8.95 4.83
N THR D 60 8.16 8.87 6.05
CA THR D 60 7.59 9.63 7.14
C THR D 60 7.98 11.09 7.00
N ASP D 61 7.24 11.94 7.72
CA ASP D 61 7.57 13.35 7.84
C ASP D 61 8.36 13.52 9.14
N GLY D 62 9.66 13.59 9.02
CA GLY D 62 10.50 13.86 10.19
C GLY D 62 10.97 12.61 10.89
N TYR D 63 11.68 12.82 11.99
CA TYR D 63 12.40 11.77 12.67
C TYR D 63 11.84 11.42 14.04
N GLN D 64 10.79 12.10 14.48
CA GLN D 64 10.26 11.88 15.81
C GLN D 64 8.98 11.05 15.83
N ASP D 65 8.18 11.09 14.78
CA ASP D 65 6.93 10.34 14.74
C ASP D 65 7.28 8.90 14.38
N LEU D 66 7.23 8.00 15.35
CA LEU D 66 7.66 6.61 15.18
C LEU D 66 6.47 5.69 14.87
N GLY D 67 5.61 6.12 13.98
CA GLY D 67 4.55 5.26 13.47
C GLY D 67 4.17 5.69 12.06
N ALA D 68 3.38 4.85 11.42
CA ALA D 68 2.79 5.22 10.14
C ALA D 68 1.50 4.44 9.93
N ILE D 69 0.55 5.06 9.24
CA ILE D 69 -0.69 4.39 8.85
C ILE D 69 -0.60 4.15 7.35
N LEU D 70 -0.67 2.89 6.95
CA LEU D 70 -0.68 2.52 5.53
C LEU D 70 -2.11 2.23 5.13
N ASN D 71 -2.60 2.92 4.13
CA ASN D 71 -3.98 2.82 3.69
C ASN D 71 -4.06 2.17 2.31
N ASN D 72 -5.29 1.95 1.85
CA ASN D 72 -5.54 1.38 0.53
C ASN D 72 -4.90 0.02 0.35
N LEU D 73 -4.79 -0.74 1.44
CA LEU D 73 -4.35 -2.13 1.36
C LEU D 73 -5.52 -3.04 1.01
N LEU D 74 -5.18 -4.24 0.52
CA LEU D 74 -6.21 -5.18 0.11
C LEU D 74 -6.64 -6.04 1.28
N PRO D 75 -7.93 -6.28 1.48
CA PRO D 75 -8.34 -7.19 2.57
C PRO D 75 -8.01 -8.63 2.23
N ASN D 76 -7.84 -9.44 3.27
CA ASN D 76 -7.54 -10.86 3.12
C ASN D 76 -6.19 -11.07 2.42
N MET D 77 -5.25 -10.19 2.68
CA MET D 77 -3.93 -10.29 2.09
CA MET D 77 -3.92 -10.23 2.07
C MET D 77 -2.87 -10.12 3.17
N SER D 78 -1.73 -10.77 2.94
CA SER D 78 -0.59 -10.71 3.86
C SER D 78 0.46 -9.77 3.27
N TYR D 79 1.04 -8.93 4.14
CA TYR D 79 2.07 -7.99 3.75
C TYR D 79 3.32 -8.20 4.58
N VAL D 80 4.47 -7.93 3.99
CA VAL D 80 5.76 -7.96 4.67
C VAL D 80 6.25 -6.53 4.78
N LEU D 81 6.63 -6.11 5.98
CA LEU D 81 7.01 -4.72 6.25
C LEU D 81 8.43 -4.65 6.78
N GLN D 82 9.11 -3.56 6.45
CA GLN D 82 10.45 -3.26 6.94
C GLN D 82 10.55 -1.77 7.15
N ILE D 83 11.35 -1.36 8.16
CA ILE D 83 11.54 0.06 8.49
C ILE D 83 13.02 0.39 8.41
N VAL D 84 13.35 1.56 7.86
CA VAL D 84 14.74 1.98 7.73
C VAL D 84 14.84 3.47 7.95
N ALA D 85 15.88 3.90 8.65
CA ALA D 85 16.17 5.30 8.87
C ALA D 85 16.95 5.89 7.70
N ILE D 86 16.73 7.18 7.45
CA ILE D 86 17.41 7.90 6.38
C ILE D 86 18.07 9.11 7.01
N CYS D 87 19.38 9.24 6.81
CA CYS D 87 20.18 10.23 7.50
C CYS D 87 20.30 11.52 6.70
N THR D 88 20.80 12.56 7.39
CA THR D 88 20.85 13.89 6.80
C THR D 88 21.76 13.96 5.58
N ASN D 89 22.86 13.23 5.60
CA ASN D 89 23.74 13.20 4.44
C ASN D 89 23.14 12.43 3.26
N GLY D 90 21.98 11.80 3.42
CA GLY D 90 21.34 11.06 2.35
C GLY D 90 21.53 9.57 2.40
N LEU D 91 22.29 9.05 3.35
CA LEU D 91 22.57 7.63 3.45
C LEU D 91 21.44 6.91 4.17
N TYR D 92 21.33 5.62 3.89
CA TYR D 92 20.33 4.77 4.51
C TYR D 92 20.95 3.97 5.65
N GLY D 93 20.13 3.74 6.69
CA GLY D 93 20.56 2.96 7.83
C GLY D 93 20.32 1.47 7.64
N LYS D 94 20.52 0.72 8.71
CA LYS D 94 20.28 -0.71 8.70
C LYS D 94 18.77 -0.99 8.71
N TYR D 95 18.36 -1.97 7.91
CA TYR D 95 16.94 -2.33 7.82
C TYR D 95 16.51 -3.14 9.04
N SER D 96 15.29 -2.90 9.49
CA SER D 96 14.77 -3.65 10.61
C SER D 96 14.51 -5.11 10.22
N ASP D 97 14.14 -5.91 11.22
CA ASP D 97 13.61 -7.23 10.92
C ASP D 97 12.30 -7.08 10.15
N GLN D 98 12.03 -8.05 9.28
CA GLN D 98 10.78 -8.05 8.53
C GLN D 98 9.65 -8.62 9.37
N LEU D 99 8.46 -8.10 9.13
CA LEU D 99 7.26 -8.45 9.88
C LEU D 99 6.16 -8.80 8.89
N ILE D 100 5.42 -9.89 9.17
CA ILE D 100 4.26 -10.27 8.38
C ILE D 100 3.01 -9.77 9.09
N VAL D 101 2.05 -9.29 8.31
CA VAL D 101 0.79 -8.78 8.84
C VAL D 101 -0.33 -9.31 7.96
N ASP D 102 -1.25 -10.07 8.56
CA ASP D 102 -2.45 -10.55 7.88
C ASP D 102 -3.53 -9.48 7.95
N MET D 103 -4.10 -9.15 6.80
CA MET D 103 -5.24 -8.24 6.81
C MET D 103 -6.53 -9.04 6.98
N PRO D 104 -7.37 -8.71 7.97
CA PRO D 104 -8.56 -9.52 8.29
C PRO D 104 -9.54 -9.66 7.14
N GLY E 5 -11.56 -43.61 -5.41
CA GLY E 5 -11.65 -42.41 -6.18
C GLY E 5 -10.90 -41.25 -5.53
N ARG E 6 -10.39 -40.33 -6.35
CA ARG E 6 -9.51 -39.27 -5.88
C ARG E 6 -10.15 -37.90 -6.08
N VAL E 7 -10.14 -37.07 -5.04
CA VAL E 7 -10.59 -35.70 -5.17
C VAL E 7 -9.47 -34.84 -5.74
N PHE E 8 -9.84 -33.67 -6.26
CA PHE E 8 -8.88 -32.66 -6.70
C PHE E 8 -8.34 -31.91 -5.49
N PRO E 9 -7.04 -31.97 -5.20
CA PRO E 9 -6.55 -31.28 -3.99
C PRO E 9 -6.60 -29.77 -4.14
N HIS E 10 -6.48 -29.25 -5.35
CA HIS E 10 -6.42 -27.79 -5.58
C HIS E 10 -7.34 -27.48 -6.76
N PRO E 11 -8.64 -27.43 -6.50
CA PRO E 11 -9.59 -27.18 -7.59
C PRO E 11 -9.33 -25.85 -8.28
N GLN E 12 -9.39 -25.84 -9.60
CA GLN E 12 -9.13 -24.67 -10.41
C GLN E 12 -10.39 -23.96 -10.85
N ASP E 13 -11.56 -24.41 -10.40
CA ASP E 13 -12.83 -23.76 -10.72
C ASP E 13 -13.91 -24.36 -9.82
N CYS E 14 -15.10 -23.77 -9.90
CA CYS E 14 -16.18 -24.20 -9.01
C CYS E 14 -16.78 -25.53 -9.41
N ALA E 15 -16.61 -25.95 -10.67
CA ALA E 15 -17.06 -27.27 -11.10
C ALA E 15 -16.25 -28.38 -10.42
N GLN E 16 -14.95 -28.16 -10.23
CA GLN E 16 -14.13 -29.13 -9.56
C GLN E 16 -14.46 -29.25 -8.09
N HIS E 17 -14.86 -28.16 -7.43
CA HIS E 17 -15.38 -28.24 -6.08
C HIS E 17 -16.64 -29.11 -6.02
N LEU E 18 -17.55 -28.90 -6.95
CA LEU E 18 -18.72 -29.76 -7.06
C LEU E 18 -18.32 -31.22 -7.14
N MET E 19 -17.35 -31.54 -8.00
CA MET E 19 -16.91 -32.93 -8.15
C MET E 19 -16.26 -33.49 -6.88
N ASN E 20 -15.74 -32.64 -6.02
CA ASN E 20 -15.25 -33.06 -4.71
C ASN E 20 -16.35 -33.20 -3.68
N GLY E 21 -17.58 -32.82 -4.03
CA GLY E 21 -18.69 -33.01 -3.13
C GLY E 21 -19.01 -31.80 -2.29
N ASP E 22 -18.47 -30.63 -2.63
CA ASP E 22 -18.75 -29.38 -1.94
C ASP E 22 -19.75 -28.61 -2.80
N THR E 23 -20.99 -28.53 -2.32
CA THR E 23 -22.09 -28.09 -3.15
C THR E 23 -22.85 -26.91 -2.59
N LEU E 24 -22.37 -26.27 -1.52
CA LEU E 24 -23.03 -25.11 -0.95
C LEU E 24 -22.54 -23.86 -1.68
N SER E 25 -23.47 -23.01 -2.11
CA SER E 25 -23.06 -21.72 -2.65
C SER E 25 -22.31 -20.93 -1.57
N GLY E 26 -21.31 -20.17 -1.98
CA GLY E 26 -20.54 -19.38 -1.06
C GLY E 26 -19.12 -19.14 -1.57
N VAL E 27 -18.26 -18.75 -0.64
CA VAL E 27 -16.89 -18.38 -0.96
C VAL E 27 -15.97 -19.57 -0.90
N TYR E 28 -15.17 -19.73 -1.93
CA TYR E 28 -14.26 -20.85 -2.10
C TYR E 28 -12.92 -20.33 -2.58
N PRO E 29 -11.82 -20.98 -2.22
CA PRO E 29 -10.57 -20.77 -2.94
C PRO E 29 -10.53 -21.63 -4.17
N ILE E 30 -10.02 -21.07 -5.27
CA ILE E 30 -9.63 -21.85 -6.43
C ILE E 30 -8.17 -21.60 -6.72
N PHE E 31 -7.57 -22.51 -7.47
CA PHE E 31 -6.14 -22.55 -7.70
C PHE E 31 -5.89 -22.64 -9.20
N LEU E 32 -5.50 -21.53 -9.81
CA LEU E 32 -5.34 -21.49 -11.24
C LEU E 32 -4.39 -22.59 -11.70
N ASN E 33 -4.80 -23.35 -12.71
CA ASN E 33 -4.04 -24.49 -13.22
C ASN E 33 -3.71 -25.50 -12.13
N GLY E 34 -4.52 -25.53 -11.06
CA GLY E 34 -4.27 -26.45 -9.96
C GLY E 34 -3.00 -26.16 -9.18
N GLU E 35 -2.48 -24.95 -9.28
CA GLU E 35 -1.19 -24.62 -8.69
C GLU E 35 -1.38 -23.98 -7.32
N LEU E 36 -0.67 -24.52 -6.33
CA LEU E 36 -0.74 -24.01 -4.96
C LEU E 36 -0.55 -22.50 -4.90
N SER E 37 0.45 -21.97 -5.64
CA SER E 37 0.85 -20.57 -5.52
C SER E 37 -0.05 -19.62 -6.30
N GLN E 38 -1.19 -20.09 -6.84
CA GLN E 38 -2.07 -19.22 -7.62
C GLN E 38 -3.48 -19.29 -7.02
N LYS E 39 -3.56 -19.19 -5.71
CA LYS E 39 -4.85 -19.20 -5.03
C LYS E 39 -5.60 -17.89 -5.22
N LEU E 40 -6.89 -17.99 -5.45
CA LEU E 40 -7.79 -16.88 -5.67
C LEU E 40 -9.09 -17.17 -4.96
N GLN E 41 -9.54 -16.20 -4.16
CA GLN E 41 -10.84 -16.29 -3.52
C GLN E 41 -11.96 -15.94 -4.50
N VAL E 42 -12.97 -16.80 -4.61
CA VAL E 42 -14.08 -16.53 -5.50
C VAL E 42 -15.37 -16.91 -4.81
N TYR E 43 -16.48 -16.47 -5.40
CA TYR E 43 -17.82 -16.91 -5.02
C TYR E 43 -18.30 -17.96 -6.02
N CYS E 44 -18.72 -19.12 -5.54
CA CYS E 44 -19.28 -20.18 -6.37
C CYS E 44 -20.81 -20.20 -6.25
N ASP E 45 -21.50 -20.12 -7.38
CA ASP E 45 -22.94 -20.29 -7.45
C ASP E 45 -23.16 -21.77 -7.76
N MET E 46 -23.68 -22.50 -6.77
CA MET E 46 -23.77 -23.95 -6.82
C MET E 46 -25.18 -24.44 -7.13
N THR E 47 -26.09 -23.54 -7.47
CA THR E 47 -27.47 -23.91 -7.74
C THR E 47 -27.95 -23.64 -9.15
N THR E 48 -27.52 -22.55 -9.78
CA THR E 48 -28.04 -22.23 -11.11
C THR E 48 -27.69 -23.30 -12.13
N ASP E 49 -28.69 -23.78 -12.83
CA ASP E 49 -28.52 -24.82 -13.84
C ASP E 49 -27.58 -25.94 -13.38
N GLY E 50 -27.80 -26.43 -12.17
CA GLY E 50 -26.99 -27.51 -11.63
C GLY E 50 -25.72 -27.09 -10.91
N GLY E 51 -25.36 -25.81 -10.94
CA GLY E 51 -24.25 -25.35 -10.16
C GLY E 51 -22.91 -25.40 -10.87
N GLY E 52 -21.90 -24.90 -10.18
CA GLY E 52 -20.55 -24.96 -10.65
C GLY E 52 -20.02 -23.67 -11.29
N TRP E 53 -20.63 -22.51 -11.01
CA TRP E 53 -20.25 -21.24 -11.64
C TRP E 53 -19.35 -20.40 -10.75
N ILE E 54 -18.27 -19.87 -11.33
CA ILE E 54 -17.52 -18.78 -10.71
C ILE E 54 -18.26 -17.49 -11.02
N VAL E 55 -18.75 -16.82 -9.99
CA VAL E 55 -19.35 -15.50 -10.15
C VAL E 55 -18.20 -14.50 -10.16
N PHE E 56 -18.15 -13.64 -11.17
CA PHE E 56 -17.07 -12.67 -11.26
C PHE E 56 -17.56 -11.22 -11.27
N GLN E 57 -18.86 -10.99 -11.15
CA GLN E 57 -19.41 -9.65 -11.01
C GLN E 57 -20.80 -9.79 -10.42
N ARG E 58 -21.13 -8.91 -9.47
CA ARG E 58 -22.48 -8.84 -8.89
C ARG E 58 -22.84 -7.40 -8.56
N ARG E 59 -24.08 -7.04 -8.88
CA ARG E 59 -24.70 -5.81 -8.44
C ARG E 59 -25.99 -6.19 -7.72
N GLN E 60 -26.28 -5.53 -6.60
CA GLN E 60 -27.52 -5.87 -5.90
C GLN E 60 -28.06 -4.81 -4.95
N ASN E 61 -27.29 -3.76 -4.67
CA ASN E 61 -27.78 -2.77 -3.74
C ASN E 61 -27.18 -1.38 -3.95
N GLY E 62 -26.16 -1.25 -4.79
CA GLY E 62 -25.60 0.04 -5.09
C GLY E 62 -24.70 0.61 -4.03
N GLN E 63 -24.40 -0.16 -2.98
CA GLN E 63 -23.55 0.36 -1.90
C GLN E 63 -22.07 0.43 -2.30
N THR E 64 -21.67 -0.24 -3.37
CA THR E 64 -20.29 -0.24 -3.81
C THR E 64 -20.15 0.61 -5.07
N ASP E 65 -19.15 1.47 -5.10
CA ASP E 65 -18.90 2.33 -6.25
C ASP E 65 -18.20 1.53 -7.35
N PHE E 66 -18.77 1.54 -8.56
CA PHE E 66 -18.19 0.88 -9.72
C PHE E 66 -17.56 1.85 -10.72
N PHE E 67 -17.56 3.16 -10.44
CA PHE E 67 -17.00 4.12 -11.38
C PHE E 67 -15.52 4.33 -11.06
N ARG E 68 -14.73 3.33 -11.43
CA ARG E 68 -13.33 3.24 -11.03
C ARG E 68 -12.43 3.24 -12.28
N LYS E 69 -11.13 3.20 -12.04
CA LYS E 69 -10.16 3.40 -13.10
C LYS E 69 -9.63 2.05 -13.58
N TRP E 70 -8.81 2.12 -14.63
CA TRP E 70 -8.24 0.92 -15.24
C TRP E 70 -7.53 0.05 -14.23
N ALA E 71 -6.69 0.64 -13.39
CA ALA E 71 -5.95 -0.14 -12.39
C ALA E 71 -6.91 -0.95 -11.50
N ASP E 72 -8.03 -0.34 -11.10
CA ASP E 72 -8.98 -1.04 -10.24
C ASP E 72 -9.62 -2.21 -10.98
N TYR E 73 -10.00 -1.99 -12.23
CA TYR E 73 -10.65 -3.04 -12.97
C TYR E 73 -9.69 -4.15 -13.36
N ARG E 74 -8.39 -3.83 -13.47
CA ARG E 74 -7.41 -4.89 -13.70
C ARG E 74 -7.27 -5.83 -12.52
N VAL E 75 -7.24 -5.28 -11.31
CA VAL E 75 -6.94 -6.08 -10.12
C VAL E 75 -8.19 -6.60 -9.43
N GLY E 76 -9.33 -5.93 -9.60
CA GLY E 76 -10.55 -6.32 -8.92
C GLY E 76 -10.82 -5.48 -7.69
N PHE E 77 -12.11 -5.46 -7.30
CA PHE E 77 -12.51 -4.68 -6.12
C PHE E 77 -13.82 -5.24 -5.60
N GLY E 78 -14.10 -4.91 -4.34
CA GLY E 78 -15.33 -5.35 -3.69
C GLY E 78 -15.19 -6.68 -2.97
N ASN E 79 -16.24 -7.02 -2.23
CA ASN E 79 -16.33 -8.26 -1.47
C ASN E 79 -17.11 -9.29 -2.27
N VAL E 80 -16.52 -10.48 -2.44
CA VAL E 80 -17.15 -11.45 -3.32
C VAL E 80 -18.50 -11.95 -2.78
N GLU E 81 -18.79 -11.74 -1.50
CA GLU E 81 -20.11 -12.07 -0.94
C GLU E 81 -21.12 -10.96 -1.15
N ASP E 82 -20.70 -9.81 -1.69
CA ASP E 82 -21.58 -8.67 -1.86
C ASP E 82 -21.46 -8.18 -3.30
N GLU E 83 -21.29 -6.87 -3.51
CA GLU E 83 -21.07 -6.35 -4.86
C GLU E 83 -19.57 -6.34 -5.16
N PHE E 84 -19.18 -6.79 -6.35
CA PHE E 84 -17.76 -6.87 -6.63
C PHE E 84 -17.51 -7.02 -8.12
N TRP E 85 -16.23 -6.85 -8.48
CA TRP E 85 -15.67 -7.15 -9.80
C TRP E 85 -14.43 -7.99 -9.58
N LEU E 86 -14.37 -9.19 -10.16
CA LEU E 86 -13.26 -10.09 -9.85
C LEU E 86 -11.90 -9.61 -10.36
N GLY E 87 -11.85 -8.85 -11.45
CA GLY E 87 -10.54 -8.40 -11.96
C GLY E 87 -10.28 -9.00 -13.34
N LEU E 88 -9.89 -8.10 -14.26
CA LEU E 88 -9.69 -8.51 -15.65
C LEU E 88 -8.52 -9.47 -15.83
N ASP E 89 -7.43 -9.27 -15.08
CA ASP E 89 -6.36 -10.26 -15.13
C ASP E 89 -6.83 -11.62 -14.63
N ASN E 90 -7.61 -11.65 -13.55
CA ASN E 90 -8.10 -12.94 -13.06
C ASN E 90 -9.05 -13.60 -14.05
N ILE E 91 -9.97 -12.83 -14.60
CA ILE E 91 -10.91 -13.37 -15.56
C ILE E 91 -10.19 -13.90 -16.78
N HIS E 92 -9.17 -13.18 -17.27
CA HIS E 92 -8.35 -13.71 -18.37
C HIS E 92 -7.68 -15.04 -18.01
N ARG E 93 -7.06 -15.10 -16.81
CA ARG E 93 -6.35 -16.30 -16.43
C ARG E 93 -7.31 -17.48 -16.28
N ILE E 94 -8.50 -17.26 -15.72
CA ILE E 94 -9.45 -18.35 -15.53
C ILE E 94 -9.93 -18.86 -16.89
N THR E 95 -10.34 -17.94 -17.78
CA THR E 95 -10.90 -18.39 -19.06
C THR E 95 -9.83 -18.96 -20.00
N SER E 96 -8.55 -18.79 -19.69
CA SER E 96 -7.48 -19.42 -20.44
C SER E 96 -7.20 -20.86 -20.01
N GLN E 97 -7.87 -21.33 -18.96
CA GLN E 97 -7.65 -22.70 -18.49
C GLN E 97 -8.31 -23.73 -19.39
N GLY E 98 -9.25 -23.31 -20.22
CA GLY E 98 -10.02 -24.21 -21.05
C GLY E 98 -11.26 -23.49 -21.55
N ARG E 99 -12.19 -24.25 -22.14
CA ARG E 99 -13.39 -23.67 -22.71
C ARG E 99 -14.39 -23.38 -21.58
N TYR E 100 -14.76 -22.13 -21.42
CA TYR E 100 -15.74 -21.66 -20.45
C TYR E 100 -16.97 -21.14 -21.18
N GLU E 101 -18.10 -21.23 -20.52
CA GLU E 101 -19.32 -20.59 -20.95
C GLU E 101 -19.66 -19.48 -19.96
N LEU E 102 -20.37 -18.50 -20.44
CA LEU E 102 -20.76 -17.31 -19.71
C LEU E 102 -22.25 -17.33 -19.48
N ARG E 103 -22.67 -16.99 -18.28
CA ARG E 103 -24.07 -16.78 -17.97
C ARG E 103 -24.26 -15.47 -17.24
N VAL E 104 -25.28 -14.73 -17.63
CA VAL E 104 -25.65 -13.49 -16.96
C VAL E 104 -27.05 -13.65 -16.45
N ASP E 105 -27.20 -13.56 -15.12
CA ASP E 105 -28.49 -13.65 -14.46
C ASP E 105 -28.93 -12.28 -13.99
N MET E 106 -30.19 -11.95 -14.26
CA MET E 106 -30.72 -10.64 -13.89
CA MET E 106 -30.73 -10.64 -13.92
C MET E 106 -32.11 -10.80 -13.33
N ARG E 107 -32.41 -9.96 -12.34
CA ARG E 107 -33.71 -10.01 -11.68
C ARG E 107 -34.22 -8.61 -11.41
N ASP E 108 -35.55 -8.43 -11.54
CA ASP E 108 -36.25 -7.20 -11.20
C ASP E 108 -37.45 -7.66 -10.38
N GLY E 109 -37.28 -7.77 -9.07
CA GLY E 109 -38.34 -8.29 -8.20
C GLY E 109 -38.55 -9.77 -8.46
N GLN E 110 -39.76 -10.15 -8.87
CA GLN E 110 -40.04 -11.54 -9.21
C GLN E 110 -39.73 -11.86 -10.66
N GLU E 111 -39.44 -10.86 -11.48
CA GLU E 111 -39.14 -11.11 -12.88
C GLU E 111 -37.66 -11.44 -13.02
N ALA E 112 -37.35 -12.51 -13.74
CA ALA E 112 -35.98 -12.95 -13.89
C ALA E 112 -35.73 -13.33 -15.34
N ALA E 113 -34.47 -13.19 -15.77
CA ALA E 113 -34.07 -13.54 -17.11
C ALA E 113 -32.60 -13.88 -17.08
N PHE E 114 -32.15 -14.56 -18.14
CA PHE E 114 -30.73 -14.90 -18.23
C PHE E 114 -30.32 -14.91 -19.68
N ALA E 115 -29.01 -14.78 -19.89
CA ALA E 115 -28.37 -14.87 -21.19
C ALA E 115 -27.13 -15.75 -21.01
N SER E 116 -26.98 -16.77 -21.88
CA SER E 116 -25.84 -17.67 -21.83
CA SER E 116 -25.82 -17.64 -21.82
C SER E 116 -25.13 -17.69 -23.18
N TYR E 117 -23.83 -17.90 -23.13
CA TYR E 117 -22.97 -17.93 -24.31
C TYR E 117 -22.00 -19.10 -24.19
N ASP E 118 -21.97 -19.96 -25.22
CA ASP E 118 -21.32 -21.27 -25.09
C ASP E 118 -19.84 -21.18 -25.37
N ARG E 119 -19.29 -19.96 -25.49
CA ARG E 119 -17.84 -19.71 -25.43
C ARG E 119 -17.69 -18.41 -24.69
N PHE E 120 -16.58 -18.26 -23.96
CA PHE E 120 -16.31 -17.04 -23.21
C PHE E 120 -14.83 -16.91 -22.94
N SER E 121 -14.24 -15.81 -23.38
CA SER E 121 -12.88 -15.53 -22.95
C SER E 121 -12.68 -14.02 -22.95
N VAL E 122 -11.70 -13.60 -22.16
CA VAL E 122 -11.19 -12.24 -22.13
C VAL E 122 -9.71 -12.37 -22.44
N GLU E 123 -9.23 -11.58 -23.39
CA GLU E 123 -7.83 -11.64 -23.79
C GLU E 123 -6.92 -10.94 -22.77
N ASP E 124 -5.62 -10.95 -23.04
CA ASP E 124 -4.64 -10.47 -22.09
C ASP E 124 -4.52 -8.95 -22.14
N SER E 125 -3.68 -8.39 -21.27
CA SER E 125 -3.58 -6.94 -21.15
C SER E 125 -3.06 -6.32 -22.43
N ARG E 126 -2.14 -7.00 -23.12
CA ARG E 126 -1.62 -6.44 -24.36
C ARG E 126 -2.70 -6.28 -25.40
N ASN E 127 -3.73 -7.12 -25.36
CA ASN E 127 -4.88 -7.03 -26.25
C ASN E 127 -6.05 -6.33 -25.58
N LEU E 128 -5.79 -5.62 -24.48
CA LEU E 128 -6.79 -4.76 -23.87
C LEU E 128 -8.02 -5.52 -23.44
N TYR E 129 -7.84 -6.78 -23.05
CA TYR E 129 -8.89 -7.60 -22.49
C TYR E 129 -10.13 -7.69 -23.38
N LYS E 130 -9.91 -7.85 -24.68
CA LYS E 130 -11.00 -7.98 -25.62
C LYS E 130 -11.92 -9.12 -25.23
N LEU E 131 -13.22 -8.90 -25.46
CA LEU E 131 -14.27 -9.90 -25.17
C LEU E 131 -14.47 -10.85 -26.33
N ARG E 132 -14.56 -12.15 -26.04
CA ARG E 132 -14.90 -13.16 -27.05
C ARG E 132 -16.02 -14.01 -26.50
N ILE E 133 -17.17 -14.04 -27.17
CA ILE E 133 -18.32 -14.81 -26.69
C ILE E 133 -18.86 -15.71 -27.81
N GLY E 134 -19.47 -16.81 -27.43
CA GLY E 134 -19.99 -17.79 -28.34
C GLY E 134 -21.47 -17.61 -28.64
N SER E 135 -22.14 -18.72 -28.93
CA SER E 135 -23.54 -18.68 -29.37
C SER E 135 -24.45 -18.43 -28.18
N TYR E 136 -25.53 -17.69 -28.43
CA TYR E 136 -26.44 -17.29 -27.38
C TYR E 136 -27.60 -18.25 -27.20
N ASN E 137 -28.05 -18.39 -25.95
CA ASN E 137 -29.37 -18.91 -25.64
C ASN E 137 -29.82 -18.23 -24.36
N GLY E 138 -31.11 -17.96 -24.24
CA GLY E 138 -31.61 -17.45 -22.99
C GLY E 138 -32.96 -16.80 -23.16
N THR E 139 -33.36 -16.05 -22.13
CA THR E 139 -34.63 -15.34 -22.11
C THR E 139 -34.48 -13.82 -22.07
N ALA E 140 -33.31 -13.32 -21.77
CA ALA E 140 -33.06 -11.88 -21.69
C ALA E 140 -32.86 -11.19 -23.04
N GLY E 141 -32.63 -11.94 -24.10
CA GLY E 141 -32.27 -11.40 -25.39
C GLY E 141 -30.76 -11.24 -25.52
N ASP E 142 -30.28 -11.20 -26.77
CA ASP E 142 -28.84 -11.20 -27.00
C ASP E 142 -28.38 -9.76 -27.14
N SER E 143 -28.05 -9.14 -26.03
CA SER E 143 -27.54 -7.78 -26.03
C SER E 143 -26.01 -7.71 -25.92
N LEU E 144 -25.35 -8.84 -25.61
CA LEU E 144 -23.91 -8.81 -25.43
C LEU E 144 -23.18 -9.00 -26.74
N SER E 145 -23.81 -9.63 -27.75
CA SER E 145 -23.10 -9.87 -29.01
C SER E 145 -22.66 -8.57 -29.67
N TYR E 146 -23.39 -7.48 -29.41
CA TYR E 146 -22.97 -6.18 -29.91
C TYR E 146 -21.55 -5.85 -29.54
N HIS E 147 -21.09 -6.35 -28.39
CA HIS E 147 -19.79 -6.05 -27.84
C HIS E 147 -18.73 -7.05 -28.25
N GLN E 148 -19.04 -7.94 -29.19
CA GLN E 148 -18.10 -9.01 -29.60
C GLN E 148 -16.78 -8.43 -30.07
N GLY E 149 -15.70 -8.91 -29.48
CA GLY E 149 -14.37 -8.53 -29.92
C GLY E 149 -13.93 -7.13 -29.58
N ARG E 150 -14.59 -6.47 -28.72
CA ARG E 150 -14.20 -5.08 -28.44
C ARG E 150 -13.28 -5.04 -27.23
N PRO E 151 -12.34 -4.10 -27.20
CA PRO E 151 -11.50 -3.96 -26.01
C PRO E 151 -12.30 -3.42 -24.84
N PHE E 152 -11.75 -3.59 -23.64
CA PHE E 152 -12.29 -3.00 -22.43
C PHE E 152 -11.88 -1.54 -22.34
N SER E 153 -12.75 -0.72 -21.70
CA SER E 153 -12.53 0.71 -21.57
C SER E 153 -13.00 1.19 -20.19
N THR E 154 -12.23 2.11 -19.62
CA THR E 154 -12.58 2.78 -18.38
C THR E 154 -12.49 4.28 -18.60
N GLU E 155 -12.98 5.04 -17.61
CA GLU E 155 -13.06 6.48 -17.81
C GLU E 155 -11.71 7.13 -18.04
N ASP E 156 -10.63 6.50 -17.58
CA ASP E 156 -9.28 7.00 -17.79
C ASP E 156 -8.51 6.28 -18.90
N ARG E 157 -9.14 5.32 -19.58
CA ARG E 157 -8.52 4.56 -20.68
C ARG E 157 -9.61 4.31 -21.73
N ASP E 158 -9.69 5.21 -22.71
CA ASP E 158 -10.74 5.20 -23.72
C ASP E 158 -10.25 4.36 -24.90
N ASN E 159 -10.76 3.16 -25.03
CA ASN E 159 -10.48 2.29 -26.16
C ASN E 159 -11.71 2.06 -27.04
N ASP E 160 -12.75 2.88 -26.88
CA ASP E 160 -13.96 2.68 -27.70
C ASP E 160 -13.76 3.33 -29.07
N VAL E 161 -14.76 3.21 -29.95
CA VAL E 161 -14.65 3.76 -31.29
C VAL E 161 -15.62 4.92 -31.45
N ALA E 162 -15.98 5.56 -30.34
CA ALA E 162 -16.84 6.73 -30.35
C ALA E 162 -16.00 7.99 -30.19
N VAL E 163 -16.51 9.09 -30.72
CA VAL E 163 -15.89 10.39 -30.47
C VAL E 163 -15.93 10.69 -28.97
N THR E 164 -17.02 10.37 -28.30
CA THR E 164 -17.13 10.60 -26.87
C THR E 164 -16.32 9.56 -26.11
N ASN E 165 -16.25 9.76 -24.80
CA ASN E 165 -15.63 8.82 -23.88
C ASN E 165 -16.78 7.99 -23.31
N CYS E 166 -16.98 6.78 -23.85
CA CYS E 166 -18.18 6.02 -23.50
C CYS E 166 -18.23 5.74 -22.01
N ALA E 167 -17.10 5.35 -21.42
CA ALA E 167 -17.07 4.99 -20.01
C ALA E 167 -17.42 6.19 -19.13
N MET E 168 -16.94 7.35 -19.48
CA MET E 168 -17.25 8.53 -18.68
C MET E 168 -18.69 8.96 -18.88
N SER E 169 -19.16 9.01 -20.13
CA SER E 169 -20.52 9.47 -20.41
C SER E 169 -21.56 8.56 -19.78
N TYR E 170 -21.28 7.26 -19.73
CA TYR E 170 -22.27 6.29 -19.26
C TYR E 170 -21.85 5.62 -17.96
N LYS E 171 -20.95 6.24 -17.22
CA LYS E 171 -20.73 6.00 -15.80
C LYS E 171 -20.48 4.52 -15.52
N GLY E 172 -19.55 3.96 -16.24
CA GLY E 172 -19.28 2.55 -16.15
C GLY E 172 -17.91 2.18 -16.68
N ALA E 173 -17.74 0.90 -16.95
CA ALA E 173 -16.48 0.32 -17.41
C ALA E 173 -16.89 -0.93 -18.17
N TRP E 174 -16.51 -1.05 -19.45
CA TRP E 174 -17.09 -2.08 -20.28
C TRP E 174 -16.31 -2.21 -21.59
N TRP E 175 -16.67 -3.21 -22.36
CA TRP E 175 -16.18 -3.44 -23.71
C TRP E 175 -17.02 -2.57 -24.64
N TYR E 176 -16.85 -1.26 -24.51
CA TYR E 176 -17.70 -0.32 -25.22
C TYR E 176 -17.36 -0.27 -26.70
N LYS E 177 -18.37 -0.02 -27.52
CA LYS E 177 -18.18 0.25 -28.93
C LYS E 177 -18.56 1.69 -29.17
N ASN E 178 -19.83 2.01 -29.45
CA ASN E 178 -20.25 3.41 -29.57
C ASN E 178 -21.76 3.51 -29.32
N CYS E 179 -22.26 3.11 -28.12
CA CYS E 179 -21.41 2.75 -27.00
C CYS E 179 -21.75 1.35 -26.47
N HIS E 180 -23.03 1.07 -26.21
CA HIS E 180 -23.34 -0.21 -25.57
C HIS E 180 -24.81 -0.59 -25.74
N ARG E 181 -25.05 -1.90 -25.69
CA ARG E 181 -26.40 -2.43 -25.42
C ARG E 181 -26.46 -3.11 -24.06
N THR E 182 -25.33 -3.29 -23.38
CA THR E 182 -25.29 -3.77 -22.00
C THR E 182 -24.31 -2.90 -21.25
N ASN E 183 -24.64 -2.57 -20.01
CA ASN E 183 -23.80 -1.66 -19.20
C ASN E 183 -23.82 -2.10 -17.74
N LEU E 184 -23.39 -3.33 -17.49
CA LEU E 184 -23.68 -3.94 -16.19
C LEU E 184 -22.80 -3.38 -15.09
N ASN E 185 -21.71 -2.69 -15.43
CA ASN E 185 -20.90 -1.97 -14.46
C ASN E 185 -21.27 -0.49 -14.38
N GLY E 186 -22.47 -0.12 -14.83
CA GLY E 186 -22.93 1.26 -14.77
C GLY E 186 -23.42 1.71 -13.39
N LYS E 187 -24.02 2.89 -13.38
CA LYS E 187 -24.43 3.50 -12.13
C LYS E 187 -25.68 2.81 -11.57
N TYR E 188 -25.60 2.36 -10.32
CA TYR E 188 -26.72 1.62 -9.74
C TYR E 188 -27.95 2.53 -9.60
N GLY E 189 -29.10 1.97 -9.95
CA GLY E 189 -30.36 2.68 -9.77
C GLY E 189 -30.57 3.83 -10.72
N GLU E 190 -29.66 4.06 -11.65
CA GLU E 190 -29.71 5.22 -12.52
C GLU E 190 -30.59 4.95 -13.74
N SER E 191 -31.67 5.70 -13.87
CA SER E 191 -32.65 5.49 -14.93
C SER E 191 -32.41 6.40 -16.15
N ARG E 192 -31.59 7.43 -16.03
CA ARG E 192 -31.30 8.25 -17.21
C ARG E 192 -30.72 7.38 -18.34
N HIS E 193 -31.08 7.74 -19.57
CA HIS E 193 -30.82 6.89 -20.72
C HIS E 193 -29.38 6.45 -20.78
N SER E 194 -29.17 5.13 -20.69
CA SER E 194 -27.91 4.44 -20.95
C SER E 194 -26.86 4.60 -19.86
N GLN E 195 -27.17 5.27 -18.76
CA GLN E 195 -26.20 5.46 -17.71
C GLN E 195 -26.28 4.42 -16.62
N GLY E 196 -27.39 3.70 -16.54
CA GLY E 196 -27.57 2.72 -15.50
C GLY E 196 -27.16 1.31 -15.95
N ILE E 197 -27.59 0.35 -15.14
CA ILE E 197 -27.28 -1.06 -15.36
C ILE E 197 -28.28 -1.62 -16.36
N ASN E 198 -27.95 -1.52 -17.62
CA ASN E 198 -28.88 -1.82 -18.70
C ASN E 198 -28.59 -3.19 -19.30
N TRP E 199 -29.65 -3.85 -19.76
CA TRP E 199 -29.57 -5.00 -20.68
C TRP E 199 -30.65 -4.72 -21.72
N TYR E 200 -30.26 -4.19 -22.87
CA TYR E 200 -31.20 -3.49 -23.73
C TYR E 200 -32.36 -4.36 -24.14
N HIS E 201 -32.09 -5.58 -24.59
CA HIS E 201 -33.18 -6.43 -25.10
C HIS E 201 -34.09 -7.02 -24.02
N TRP E 202 -33.77 -6.83 -22.74
CA TRP E 202 -34.71 -7.19 -21.68
C TRP E 202 -35.55 -5.99 -21.24
N LYS E 203 -34.88 -4.89 -20.85
CA LYS E 203 -35.59 -3.78 -20.22
C LYS E 203 -35.29 -2.43 -20.84
N GLY E 204 -34.52 -2.37 -21.89
CA GLY E 204 -34.23 -1.08 -22.52
C GLY E 204 -33.11 -0.32 -21.86
N HIS E 205 -33.02 0.96 -22.24
CA HIS E 205 -31.94 1.84 -21.81
C HIS E 205 -32.34 2.82 -20.70
N GLU E 206 -33.60 2.84 -20.28
CA GLU E 206 -34.03 3.70 -19.18
C GLU E 206 -34.48 2.90 -17.98
N PHE E 207 -34.04 1.66 -17.87
CA PHE E 207 -34.28 0.84 -16.70
C PHE E 207 -32.94 0.32 -16.20
N SER E 208 -32.67 0.53 -14.91
CA SER E 208 -31.45 0.03 -14.27
C SER E 208 -31.82 -1.25 -13.50
N ILE E 209 -31.20 -2.35 -13.84
CA ILE E 209 -31.56 -3.66 -13.28
C ILE E 209 -31.08 -3.73 -11.83
N PRO E 210 -31.94 -4.10 -10.88
CA PRO E 210 -31.53 -4.09 -9.46
C PRO E 210 -30.68 -5.25 -9.02
N PHE E 211 -30.73 -6.39 -9.69
CA PHE E 211 -29.84 -7.51 -9.39
C PHE E 211 -29.25 -8.09 -10.67
N VAL E 212 -27.92 -8.19 -10.73
CA VAL E 212 -27.24 -8.84 -11.84
CA VAL E 212 -27.19 -8.77 -11.85
C VAL E 212 -26.03 -9.59 -11.30
N GLU E 213 -25.78 -10.75 -11.90
CA GLU E 213 -24.61 -11.57 -11.62
C GLU E 213 -24.06 -12.06 -12.96
N MET E 214 -22.75 -11.97 -13.14
CA MET E 214 -22.03 -12.50 -14.29
C MET E 214 -21.21 -13.67 -13.79
N LYS E 215 -21.29 -14.82 -14.47
CA LYS E 215 -20.65 -16.04 -13.98
C LYS E 215 -20.19 -16.91 -15.14
N MET E 216 -19.26 -17.81 -14.85
CA MET E 216 -18.69 -18.69 -15.85
C MET E 216 -18.44 -20.07 -15.29
N ARG E 217 -18.52 -21.05 -16.17
CA ARG E 217 -18.37 -22.47 -15.86
C ARG E 217 -17.68 -23.20 -17.02
N PRO E 218 -16.80 -24.17 -16.76
CA PRO E 218 -16.23 -24.95 -17.86
C PRO E 218 -17.31 -25.58 -18.71
N TYR E 219 -17.08 -25.56 -20.02
CA TYR E 219 -18.02 -26.07 -21.00
C TYR E 219 -18.32 -27.57 -20.78
N GLY F 3 -45.57 19.21 -36.55
CA GLY F 3 -44.13 19.38 -36.48
C GLY F 3 -43.63 19.70 -35.08
N SER F 4 -44.50 19.53 -34.09
CA SER F 4 -44.10 19.73 -32.70
C SER F 4 -42.86 18.91 -32.38
N VAL F 5 -41.96 19.49 -31.56
CA VAL F 5 -40.64 18.88 -31.35
C VAL F 5 -40.80 17.56 -30.62
N CYS F 6 -39.89 16.62 -30.93
CA CYS F 6 -39.88 15.31 -30.31
C CYS F 6 -38.93 15.22 -29.13
N SER F 7 -38.15 16.26 -28.86
CA SER F 7 -37.28 16.28 -27.70
C SER F 7 -36.89 17.71 -27.41
N SER F 8 -36.40 17.94 -26.20
CA SER F 8 -35.83 19.23 -25.89
C SER F 8 -34.50 19.39 -26.63
N GLU F 9 -33.80 20.48 -26.36
CA GLU F 9 -32.59 20.75 -27.11
C GLU F 9 -31.40 20.00 -26.50
N PRO F 10 -30.40 19.63 -27.31
CA PRO F 10 -29.14 19.18 -26.73
C PRO F 10 -28.53 20.28 -25.87
N GLU F 11 -28.02 19.90 -24.71
CA GLU F 11 -27.56 20.83 -23.71
C GLU F 11 -26.04 20.95 -23.74
N ASN F 12 -25.56 22.07 -23.23
CA ASN F 12 -24.13 22.29 -22.98
C ASN F 12 -23.29 21.98 -24.22
N VAL F 13 -23.76 22.45 -25.37
CA VAL F 13 -22.97 22.30 -26.59
C VAL F 13 -21.66 23.05 -26.44
N GLN F 14 -20.57 22.37 -26.77
CA GLN F 14 -19.24 22.96 -26.75
C GLN F 14 -18.55 22.66 -28.07
N ALA F 15 -17.70 23.58 -28.51
CA ALA F 15 -16.90 23.38 -29.72
C ALA F 15 -15.48 23.82 -29.41
N ASP F 16 -14.55 22.87 -29.45
CA ASP F 16 -13.15 23.10 -29.07
C ASP F 16 -12.28 22.79 -30.28
N PRO F 17 -11.64 23.78 -30.90
CA PRO F 17 -10.74 23.50 -32.02
C PRO F 17 -9.64 22.56 -31.60
N GLU F 18 -9.48 21.46 -32.35
CA GLU F 18 -8.36 20.55 -32.14
C GLU F 18 -7.08 21.09 -32.76
N ASN F 19 -7.23 21.84 -33.85
CA ASN F 19 -6.12 22.48 -34.53
C ASN F 19 -6.72 23.54 -35.45
N TYR F 20 -6.00 23.93 -36.50
CA TYR F 20 -6.44 25.06 -37.29
C TYR F 20 -7.62 24.71 -38.19
N THR F 21 -7.87 23.44 -38.45
CA THR F 21 -8.90 23.05 -39.44
C THR F 21 -9.91 22.03 -38.93
N SER F 22 -9.81 21.60 -37.68
CA SER F 22 -10.73 20.59 -37.16
C SER F 22 -11.31 21.04 -35.82
N LEU F 23 -12.55 20.66 -35.60
CA LEU F 23 -13.34 21.11 -34.46
C LEU F 23 -13.95 19.91 -33.77
N LEU F 24 -13.79 19.82 -32.46
CA LEU F 24 -14.46 18.80 -31.64
C LEU F 24 -15.72 19.42 -31.06
N VAL F 25 -16.87 18.93 -31.51
CA VAL F 25 -18.17 19.39 -31.05
C VAL F 25 -18.72 18.33 -30.12
N THR F 26 -19.15 18.74 -28.93
CA THR F 26 -19.71 17.82 -27.95
C THR F 26 -20.99 18.41 -27.37
N TRP F 27 -21.90 17.53 -26.94
CA TRP F 27 -23.15 17.97 -26.36
C TRP F 27 -23.63 16.92 -25.39
N GLU F 28 -24.71 17.24 -24.67
CA GLU F 28 -25.36 16.30 -23.77
C GLU F 28 -26.75 15.95 -24.32
N ARG F 29 -27.22 14.76 -23.98
CA ARG F 29 -28.51 14.31 -24.47
C ARG F 29 -29.63 15.26 -24.03
N PRO F 30 -30.62 15.52 -24.90
CA PRO F 30 -31.78 16.29 -24.48
C PRO F 30 -32.35 15.77 -23.17
N ARG F 31 -32.78 16.70 -22.31
CA ARG F 31 -33.33 16.31 -21.03
C ARG F 31 -34.65 15.58 -21.18
N VAL F 32 -35.46 15.96 -22.17
CA VAL F 32 -36.79 15.39 -22.37
C VAL F 32 -36.93 14.90 -23.79
N VAL F 33 -37.50 13.71 -23.96
CA VAL F 33 -37.85 13.16 -25.27
C VAL F 33 -39.32 12.76 -25.24
N TYR F 34 -40.11 13.28 -26.19
CA TYR F 34 -41.56 13.21 -26.11
C TYR F 34 -42.10 12.04 -26.93
N ASP F 35 -42.54 11.00 -26.25
CA ASP F 35 -43.32 9.90 -26.83
C ASP F 35 -42.56 9.12 -27.92
N THR F 36 -41.25 9.18 -27.93
CA THR F 36 -40.47 8.47 -28.94
C THR F 36 -39.08 8.26 -28.37
N MET F 37 -38.10 8.02 -29.25
CA MET F 37 -36.71 7.87 -28.85
C MET F 37 -35.84 8.60 -29.84
N ILE F 38 -34.61 8.85 -29.44
CA ILE F 38 -33.66 9.51 -30.32
C ILE F 38 -32.95 8.45 -31.16
N GLU F 39 -32.90 8.67 -32.46
CA GLU F 39 -32.15 7.80 -33.38
C GLU F 39 -30.70 8.27 -33.60
N LYS F 40 -30.52 9.55 -33.88
CA LYS F 40 -29.21 10.10 -34.14
C LYS F 40 -29.28 11.59 -33.92
N PHE F 41 -28.14 12.27 -34.12
CA PHE F 41 -28.07 13.73 -34.07
C PHE F 41 -27.54 14.28 -35.38
N ALA F 42 -27.92 15.52 -35.69
CA ALA F 42 -27.33 16.27 -36.79
C ALA F 42 -26.59 17.48 -36.23
N VAL F 43 -25.38 17.72 -36.69
CA VAL F 43 -24.66 18.95 -36.42
C VAL F 43 -24.80 19.84 -37.64
N LEU F 44 -25.40 21.01 -37.47
CA LEU F 44 -25.55 21.99 -38.55
C LEU F 44 -24.60 23.13 -38.27
N TYR F 45 -23.84 23.54 -39.30
CA TYR F 45 -22.84 24.59 -39.13
C TYR F 45 -22.74 25.46 -40.37
N GLN F 46 -22.48 26.75 -40.13
CA GLN F 46 -22.53 27.77 -41.17
C GLN F 46 -21.47 28.82 -40.89
N GLN F 47 -20.77 29.25 -41.93
CA GLN F 47 -19.84 30.36 -41.80
C GLN F 47 -20.58 31.65 -41.53
N LEU F 48 -19.98 32.52 -40.72
CA LEU F 48 -20.48 33.88 -40.54
C LEU F 48 -19.81 34.88 -41.47
N ASP F 49 -18.83 34.44 -42.27
CA ASP F 49 -18.10 35.34 -43.15
C ASP F 49 -17.83 34.60 -44.46
N GLY F 50 -17.01 35.21 -45.31
CA GLY F 50 -16.62 34.58 -46.56
C GLY F 50 -17.76 34.49 -47.56
N GLU F 51 -17.53 33.67 -48.59
CA GLU F 51 -18.45 33.56 -49.71
C GLU F 51 -19.51 32.50 -49.49
N ASP F 52 -19.13 31.31 -48.99
CA ASP F 52 -20.08 30.23 -48.75
C ASP F 52 -20.59 30.34 -47.32
N GLN F 53 -21.75 30.97 -47.15
CA GLN F 53 -22.42 31.07 -45.85
C GLN F 53 -23.64 30.18 -45.78
N THR F 54 -23.69 29.13 -46.60
CA THR F 54 -24.77 28.16 -46.53
C THR F 54 -24.51 27.19 -45.37
N LYS F 55 -25.58 26.49 -44.98
CA LYS F 55 -25.55 25.64 -43.80
C LYS F 55 -25.16 24.22 -44.21
N HIS F 56 -24.12 23.67 -43.57
CA HIS F 56 -23.68 22.31 -43.79
C HIS F 56 -24.25 21.43 -42.69
N GLU F 57 -24.20 20.11 -42.92
CA GLU F 57 -24.74 19.13 -41.98
C GLU F 57 -23.73 18.02 -41.75
N PHE F 58 -23.80 17.41 -40.56
CA PHE F 58 -23.05 16.21 -40.23
C PHE F 58 -23.95 15.32 -39.38
N LEU F 59 -24.11 14.07 -39.78
CA LEU F 59 -25.00 13.13 -39.09
C LEU F 59 -24.19 12.11 -38.29
N THR F 60 -24.53 11.98 -37.01
CA THR F 60 -23.87 10.99 -36.18
C THR F 60 -24.39 9.59 -36.53
N ASP F 61 -23.63 8.58 -36.11
CA ASP F 61 -24.02 7.18 -36.27
C ASP F 61 -24.47 6.72 -34.90
N GLY F 62 -25.78 6.64 -34.71
CA GLY F 62 -26.35 6.14 -33.47
C GLY F 62 -26.74 7.26 -32.50
N TYR F 63 -27.35 6.84 -31.41
CA TYR F 63 -27.95 7.75 -30.45
C TYR F 63 -27.14 7.93 -29.17
N GLN F 64 -25.98 7.29 -29.04
CA GLN F 64 -25.21 7.37 -27.81
C GLN F 64 -23.96 8.21 -27.91
N ASP F 65 -23.37 8.37 -29.09
CA ASP F 65 -22.10 9.08 -29.26
C ASP F 65 -22.39 10.57 -29.27
N LEU F 66 -21.99 11.26 -28.21
CA LEU F 66 -22.37 12.64 -27.97
C LEU F 66 -21.31 13.63 -28.48
N GLY F 67 -20.78 13.39 -29.65
CA GLY F 67 -19.76 14.28 -30.18
C GLY F 67 -19.53 14.03 -31.66
N ALA F 68 -18.80 14.95 -32.27
CA ALA F 68 -18.45 14.79 -33.67
C ALA F 68 -17.22 15.64 -33.92
N ILE F 69 -16.36 15.17 -34.79
CA ILE F 69 -15.20 15.92 -35.23
C ILE F 69 -15.50 16.44 -36.64
N LEU F 70 -15.45 17.76 -36.79
CA LEU F 70 -15.65 18.39 -38.08
C LEU F 70 -14.27 18.74 -38.64
N ASN F 71 -13.99 18.32 -39.86
CA ASN F 71 -12.71 18.58 -40.50
C ASN F 71 -12.89 19.51 -41.70
N ASN F 72 -11.75 19.97 -42.22
CA ASN F 72 -11.69 20.80 -43.43
C ASN F 72 -12.36 22.16 -43.22
N LEU F 73 -12.33 22.66 -41.99
CA LEU F 73 -12.80 24.01 -41.74
C LEU F 73 -11.71 25.02 -42.08
N LEU F 74 -12.09 26.29 -42.11
CA LEU F 74 -11.17 27.35 -42.54
C LEU F 74 -10.52 28.01 -41.34
N PRO F 75 -9.20 28.06 -41.26
CA PRO F 75 -8.56 28.80 -40.15
C PRO F 75 -8.95 30.26 -40.18
N ASN F 76 -9.07 30.86 -39.00
CA ASN F 76 -9.47 32.24 -38.79
C ASN F 76 -10.92 32.51 -39.21
N MET F 77 -11.72 31.48 -39.44
CA MET F 77 -13.11 31.63 -39.83
C MET F 77 -14.03 31.44 -38.63
N SER F 78 -15.09 32.23 -38.57
CA SER F 78 -16.11 32.09 -37.55
C SER F 78 -17.27 31.25 -38.08
N TYR F 79 -17.80 30.36 -37.22
CA TYR F 79 -18.88 29.45 -37.55
C TYR F 79 -19.98 29.54 -36.49
N VAL F 80 -21.21 29.26 -36.92
CA VAL F 80 -22.34 29.15 -36.02
C VAL F 80 -22.81 27.70 -36.10
N LEU F 81 -23.02 27.08 -34.94
CA LEU F 81 -23.36 25.67 -34.89
C LEU F 81 -24.63 25.47 -34.12
N GLN F 82 -25.39 24.44 -34.52
CA GLN F 82 -26.55 23.99 -33.80
C GLN F 82 -26.57 22.47 -33.88
N ILE F 83 -27.09 21.85 -32.81
CA ILE F 83 -27.28 20.42 -32.75
C ILE F 83 -28.78 20.16 -32.75
N VAL F 84 -29.23 19.10 -33.42
CA VAL F 84 -30.63 18.70 -33.35
C VAL F 84 -30.73 17.19 -33.28
N ALA F 85 -31.59 16.69 -32.41
CA ALA F 85 -31.90 15.28 -32.34
C ALA F 85 -32.88 14.90 -33.45
N ILE F 86 -32.64 13.73 -34.03
CA ILE F 86 -33.54 13.11 -35.00
C ILE F 86 -34.16 11.90 -34.31
N CYS F 87 -35.48 11.86 -34.25
CA CYS F 87 -36.16 10.83 -33.47
C CYS F 87 -36.55 9.64 -34.35
N THR F 88 -36.76 8.49 -33.69
CA THR F 88 -37.06 7.26 -34.40
C THR F 88 -38.40 7.33 -35.13
N ASN F 89 -39.33 8.16 -34.68
CA ASN F 89 -40.58 8.35 -35.39
C ASN F 89 -40.47 9.35 -36.56
N GLY F 90 -39.26 9.83 -36.85
CA GLY F 90 -39.02 10.77 -37.92
C GLY F 90 -38.99 12.23 -37.50
N LEU F 91 -39.68 12.58 -36.41
CA LEU F 91 -39.74 13.98 -35.97
C LEU F 91 -38.35 14.49 -35.56
N TYR F 92 -38.29 15.80 -35.32
CA TYR F 92 -37.06 16.47 -34.95
C TYR F 92 -37.23 17.15 -33.61
N GLY F 93 -36.14 17.22 -32.86
CA GLY F 93 -36.13 17.87 -31.56
C GLY F 93 -35.94 19.36 -31.67
N LYS F 94 -35.96 20.01 -30.51
CA LYS F 94 -35.61 21.44 -30.46
C LYS F 94 -34.15 21.62 -30.85
N TYR F 95 -33.88 22.64 -31.67
CA TYR F 95 -32.50 22.95 -32.06
C TYR F 95 -31.75 23.55 -30.89
N SER F 96 -30.50 23.15 -30.75
CA SER F 96 -29.69 23.68 -29.65
C SER F 96 -29.53 25.18 -29.79
N ASP F 97 -29.25 25.83 -28.67
CA ASP F 97 -28.94 27.26 -28.73
C ASP F 97 -27.75 27.47 -29.66
N GLN F 98 -27.81 28.54 -30.44
CA GLN F 98 -26.78 28.81 -31.42
C GLN F 98 -25.45 29.09 -30.73
N LEU F 99 -24.39 28.49 -31.27
CA LEU F 99 -23.05 28.57 -30.70
C LEU F 99 -22.10 29.08 -31.76
N ILE F 100 -21.36 30.14 -31.44
CA ILE F 100 -20.41 30.73 -32.37
C ILE F 100 -19.01 30.31 -31.94
N VAL F 101 -18.19 29.88 -32.91
CA VAL F 101 -16.82 29.46 -32.65
C VAL F 101 -15.91 30.07 -33.71
N ASP F 102 -14.76 30.55 -33.28
CA ASP F 102 -13.74 31.07 -34.19
C ASP F 102 -12.63 30.04 -34.29
N MET F 103 -12.28 29.65 -35.51
CA MET F 103 -11.17 28.73 -35.68
C MET F 103 -9.84 29.47 -35.49
N PRO F 104 -8.86 28.86 -34.83
CA PRO F 104 -7.58 29.56 -34.62
C PRO F 104 -6.75 29.66 -35.90
N THR F 105 -5.59 30.31 -35.82
CA THR F 105 -4.69 30.44 -36.95
C THR F 105 -3.24 30.28 -36.51
N GLY G 5 -6.18 -46.67 43.21
CA GLY G 5 -6.72 -46.56 41.86
C GLY G 5 -7.19 -45.17 41.52
N ARG G 6 -6.49 -44.50 40.62
CA ARG G 6 -6.82 -43.13 40.23
C ARG G 6 -6.01 -42.77 38.99
N VAL G 7 -6.70 -42.45 37.89
CA VAL G 7 -6.02 -42.38 36.60
C VAL G 7 -5.32 -41.05 36.41
N PHE G 8 -5.87 -39.95 36.93
CA PHE G 8 -5.31 -38.61 36.76
C PHE G 8 -4.91 -38.09 38.14
N PRO G 9 -3.67 -38.32 38.55
CA PRO G 9 -3.26 -37.84 39.89
C PRO G 9 -3.38 -36.34 40.09
N HIS G 10 -3.13 -35.54 39.05
CA HIS G 10 -3.17 -34.08 39.13
C HIS G 10 -4.00 -33.57 37.95
N PRO G 11 -5.32 -33.54 38.10
CA PRO G 11 -6.17 -33.26 36.95
C PRO G 11 -5.91 -31.89 36.36
N GLN G 12 -5.85 -31.84 35.03
CA GLN G 12 -5.56 -30.58 34.32
C GLN G 12 -6.84 -29.87 33.87
N ASP G 13 -7.99 -30.48 34.10
CA ASP G 13 -9.28 -29.85 33.80
C ASP G 13 -10.36 -30.58 34.60
N CYS G 14 -11.58 -30.06 34.53
CA CYS G 14 -12.67 -30.58 35.33
C CYS G 14 -13.15 -31.92 34.79
N ALA G 15 -12.93 -32.19 33.50
CA ALA G 15 -13.31 -33.48 32.95
C ALA G 15 -12.44 -34.63 33.47
N GLN G 16 -11.21 -34.34 33.86
CA GLN G 16 -10.38 -35.34 34.52
C GLN G 16 -10.81 -35.57 35.95
N HIS G 17 -11.24 -34.51 36.66
CA HIS G 17 -11.83 -34.71 37.99
C HIS G 17 -13.04 -35.62 37.88
N LEU G 18 -13.89 -35.39 36.89
CA LEU G 18 -15.09 -36.18 36.72
C LEU G 18 -14.76 -37.64 36.44
N MET G 19 -13.76 -37.91 35.62
CA MET G 19 -13.39 -39.29 35.35
C MET G 19 -12.80 -39.98 36.57
N ASN G 20 -12.19 -39.21 37.47
CA ASN G 20 -11.69 -39.78 38.72
C ASN G 20 -12.80 -40.11 39.70
N GLY G 21 -14.01 -39.68 39.42
CA GLY G 21 -15.14 -39.99 40.29
C GLY G 21 -15.64 -38.84 41.13
N ASP G 22 -15.18 -37.61 40.87
CA ASP G 22 -15.60 -36.45 41.65
C ASP G 22 -16.62 -35.69 40.82
N THR G 23 -17.87 -35.65 41.30
CA THR G 23 -19.01 -35.28 40.49
C THR G 23 -19.83 -34.13 41.06
N LEU G 24 -19.39 -33.51 42.16
CA LEU G 24 -20.13 -32.39 42.73
C LEU G 24 -19.64 -31.11 42.09
N SER G 25 -20.60 -30.29 41.63
CA SER G 25 -20.24 -28.96 41.15
C SER G 25 -19.61 -28.16 42.29
N GLY G 26 -18.69 -27.24 41.94
CA GLY G 26 -18.06 -26.43 42.97
C GLY G 26 -16.61 -26.13 42.63
N VAL G 27 -15.85 -25.79 43.66
CA VAL G 27 -14.49 -25.32 43.47
C VAL G 27 -13.53 -26.49 43.56
N TYR G 28 -12.59 -26.54 42.63
CA TYR G 28 -11.59 -27.59 42.48
C TYR G 28 -10.26 -26.95 42.09
N PRO G 29 -9.15 -27.53 42.52
CA PRO G 29 -7.87 -27.19 41.89
C PRO G 29 -7.68 -27.98 40.61
N ILE G 30 -7.12 -27.31 39.59
CA ILE G 30 -6.62 -27.99 38.41
C ILE G 30 -5.15 -27.63 38.25
N PHE G 31 -4.44 -28.46 37.49
CA PHE G 31 -2.99 -28.41 37.41
C PHE G 31 -2.60 -28.41 35.94
N LEU G 32 -2.14 -27.26 35.47
CA LEU G 32 -1.86 -27.12 34.04
C LEU G 32 -0.82 -28.15 33.61
N ASN G 33 -1.16 -28.88 32.54
CA ASN G 33 -0.31 -29.95 32.01
C ASN G 33 0.07 -30.96 33.08
N GLY G 34 -0.80 -31.12 34.09
CA GLY G 34 -0.60 -32.13 35.13
C GLY G 34 0.49 -31.82 36.12
N GLU G 35 1.02 -30.60 36.13
CA GLU G 35 2.13 -30.24 36.98
C GLU G 35 1.60 -29.67 38.28
N LEU G 36 1.98 -30.30 39.40
CA LEU G 36 1.55 -29.82 40.72
C LEU G 36 1.92 -28.37 40.92
N SER G 37 3.05 -27.95 40.35
CA SER G 37 3.48 -26.56 40.53
C SER G 37 2.63 -25.55 39.77
N GLN G 38 1.72 -26.01 38.92
CA GLN G 38 0.87 -25.09 38.15
C GLN G 38 -0.58 -25.15 38.64
N LYS G 39 -0.80 -25.01 39.94
CA LYS G 39 -2.15 -25.13 40.47
C LYS G 39 -2.96 -23.89 40.15
N LEU G 40 -4.20 -24.09 39.73
CA LEU G 40 -5.18 -23.06 39.46
C LEU G 40 -6.52 -23.44 40.06
N GLN G 41 -7.11 -22.55 40.85
CA GLN G 41 -8.45 -22.77 41.39
C GLN G 41 -9.53 -22.38 40.39
N VAL G 42 -10.45 -23.30 40.13
CA VAL G 42 -11.52 -23.06 39.17
C VAL G 42 -12.84 -23.50 39.77
N TYR G 43 -13.92 -23.16 39.06
CA TYR G 43 -15.23 -23.72 39.35
C TYR G 43 -15.59 -24.76 38.28
N CYS G 44 -16.01 -25.96 38.72
CA CYS G 44 -16.39 -27.04 37.82
C CYS G 44 -17.90 -27.20 37.82
N ASP G 45 -18.51 -27.20 36.65
CA ASP G 45 -19.94 -27.47 36.46
C ASP G 45 -20.02 -28.95 36.06
N MET G 46 -20.60 -29.75 36.92
CA MET G 46 -20.61 -31.19 36.71
C MET G 46 -21.99 -31.69 36.35
N THR G 47 -22.93 -30.79 36.00
CA THR G 47 -24.27 -31.24 35.61
C THR G 47 -24.73 -30.87 34.20
N THR G 48 -24.18 -29.83 33.60
CA THR G 48 -24.63 -29.41 32.27
C THR G 48 -24.08 -30.37 31.21
N ASP G 49 -24.99 -30.98 30.44
CA ASP G 49 -24.63 -31.82 29.29
C ASP G 49 -23.57 -32.86 29.66
N GLY G 50 -23.80 -33.57 30.75
CA GLY G 50 -22.86 -34.56 31.21
C GLY G 50 -21.75 -34.07 32.12
N GLY G 51 -21.59 -32.76 32.27
CA GLY G 51 -20.64 -32.23 33.23
C GLY G 51 -19.22 -32.17 32.72
N GLY G 52 -18.32 -31.78 33.61
CA GLY G 52 -16.92 -31.73 33.31
C GLY G 52 -16.43 -30.41 32.78
N TRP G 53 -17.13 -29.33 33.03
CA TRP G 53 -16.80 -28.01 32.48
C TRP G 53 -16.04 -27.16 33.47
N ILE G 54 -14.98 -26.50 32.99
CA ILE G 54 -14.39 -25.38 33.71
C ILE G 54 -15.23 -24.15 33.40
N VAL G 55 -15.87 -23.56 34.40
CA VAL G 55 -16.49 -22.24 34.22
C VAL G 55 -15.37 -21.20 34.31
N PHE G 56 -15.31 -20.30 33.32
CA PHE G 56 -14.29 -19.25 33.37
C PHE G 56 -14.85 -17.83 33.35
N GLN G 57 -16.17 -17.67 33.29
CA GLN G 57 -16.79 -16.36 33.44
C GLN G 57 -18.20 -16.56 33.96
N ARG G 58 -18.63 -15.71 34.89
CA ARG G 58 -20.03 -15.75 35.32
C ARG G 58 -20.49 -14.35 35.67
N ARG G 59 -21.72 -14.05 35.24
CA ARG G 59 -22.45 -12.86 35.66
C ARG G 59 -23.76 -13.33 36.26
N GLN G 60 -24.17 -12.77 37.40
CA GLN G 60 -25.43 -13.16 37.98
C GLN G 60 -26.12 -12.15 38.89
N ASN G 61 -25.43 -11.10 39.32
CA ASN G 61 -26.09 -10.12 40.19
C ASN G 61 -25.61 -8.69 39.98
N GLY G 62 -24.51 -8.52 39.24
CA GLY G 62 -24.00 -7.18 39.00
C GLY G 62 -23.26 -6.53 40.15
N GLN G 63 -22.94 -7.29 41.19
CA GLN G 63 -22.23 -6.72 42.33
C GLN G 63 -20.74 -6.60 42.09
N THR G 64 -20.21 -7.21 41.04
CA THR G 64 -18.78 -7.16 40.74
C THR G 64 -18.57 -6.29 39.51
N ASP G 65 -17.65 -5.33 39.60
CA ASP G 65 -17.32 -4.47 38.48
C ASP G 65 -16.53 -5.24 37.44
N PHE G 66 -16.97 -5.20 36.17
CA PHE G 66 -16.25 -5.81 35.07
C PHE G 66 -15.62 -4.79 34.14
N PHE G 67 -15.81 -3.49 34.38
CA PHE G 67 -15.23 -2.47 33.52
C PHE G 67 -13.82 -2.17 34.00
N ARG G 68 -12.93 -3.14 33.77
CA ARG G 68 -11.57 -3.09 34.25
C ARG G 68 -10.59 -3.02 33.07
N LYS G 69 -9.31 -2.93 33.39
CA LYS G 69 -8.26 -2.67 32.42
C LYS G 69 -7.59 -3.97 31.98
N TRP G 70 -6.68 -3.83 31.03
CA TRP G 70 -6.01 -4.99 30.45
C TRP G 70 -5.34 -5.84 31.52
N ALA G 71 -4.62 -5.22 32.43
CA ALA G 71 -3.91 -5.99 33.43
C ALA G 71 -4.85 -6.84 34.27
N ASP G 72 -6.06 -6.35 34.53
CA ASP G 72 -7.01 -7.13 35.32
C ASP G 72 -7.54 -8.32 34.52
N TYR G 73 -7.84 -8.10 33.23
CA TYR G 73 -8.35 -9.20 32.41
C TYR G 73 -7.29 -10.21 32.08
N ARG G 74 -6.02 -9.84 32.20
CA ARG G 74 -4.92 -10.76 31.98
C ARG G 74 -4.79 -11.73 33.14
N VAL G 75 -4.83 -11.21 34.37
CA VAL G 75 -4.64 -12.07 35.55
CA VAL G 75 -4.64 -12.07 35.55
C VAL G 75 -5.94 -12.63 36.11
N GLY G 76 -7.08 -12.06 35.79
CA GLY G 76 -8.34 -12.52 36.33
C GLY G 76 -8.73 -11.78 37.61
N PHE G 77 -10.03 -11.79 37.89
CA PHE G 77 -10.58 -11.13 39.06
C PHE G 77 -11.89 -11.80 39.47
N GLY G 78 -12.32 -11.50 40.69
CA GLY G 78 -13.57 -11.99 41.23
C GLY G 78 -13.40 -13.32 41.96
N ASN G 79 -14.53 -13.82 42.42
CA ASN G 79 -14.65 -15.04 43.21
C ASN G 79 -15.26 -16.11 42.33
N VAL G 80 -14.59 -17.27 42.21
CA VAL G 80 -15.07 -18.26 41.26
C VAL G 80 -16.44 -18.81 41.66
N GLU G 81 -16.86 -18.62 42.92
CA GLU G 81 -18.19 -19.04 43.36
C GLU G 81 -19.26 -18.00 43.10
N ASP G 82 -18.91 -16.82 42.61
CA ASP G 82 -19.88 -15.77 42.36
C ASP G 82 -19.61 -15.21 40.96
N GLU G 83 -19.45 -13.91 40.79
CA GLU G 83 -19.11 -13.35 39.48
C GLU G 83 -17.60 -13.23 39.33
N PHE G 84 -17.07 -13.63 38.18
CA PHE G 84 -15.63 -13.65 38.03
C PHE G 84 -15.23 -13.75 36.56
N TRP G 85 -13.94 -13.51 36.34
CA TRP G 85 -13.25 -13.66 35.06
C TRP G 85 -11.98 -14.40 35.37
N LEU G 86 -11.79 -15.58 34.77
CA LEU G 86 -10.72 -16.46 35.20
C LEU G 86 -9.35 -15.91 34.84
N GLY G 87 -9.26 -15.11 33.76
CA GLY G 87 -7.99 -14.49 33.38
C GLY G 87 -7.52 -14.96 32.02
N LEU G 88 -7.07 -14.05 31.15
CA LEU G 88 -6.74 -14.45 29.78
C LEU G 88 -5.53 -15.37 29.73
N ASP G 89 -4.49 -15.12 30.53
CA ASP G 89 -3.36 -16.04 30.57
C ASP G 89 -3.79 -17.45 30.97
N ASN G 90 -4.65 -17.58 31.96
CA ASN G 90 -5.12 -18.89 32.37
C ASN G 90 -5.93 -19.56 31.26
N ILE G 91 -6.84 -18.82 30.63
CA ILE G 91 -7.67 -19.42 29.58
C ILE G 91 -6.81 -19.86 28.41
N HIS G 92 -5.77 -19.08 28.07
CA HIS G 92 -4.88 -19.47 27.00
C HIS G 92 -4.13 -20.76 27.35
N ARG G 93 -3.61 -20.84 28.59
CA ARG G 93 -2.88 -22.02 29.02
C ARG G 93 -3.78 -23.23 29.05
N ILE G 94 -5.00 -23.07 29.55
CA ILE G 94 -5.93 -24.20 29.60
C ILE G 94 -6.26 -24.68 28.18
N THR G 95 -6.62 -23.76 27.28
CA THR G 95 -7.07 -24.19 25.96
C THR G 95 -5.93 -24.72 25.10
N SER G 96 -4.68 -24.47 25.45
CA SER G 96 -3.57 -25.02 24.68
CA SER G 96 -3.56 -25.01 24.69
C SER G 96 -3.24 -26.46 25.08
N GLN G 97 -3.91 -27.00 26.09
CA GLN G 97 -3.66 -28.38 26.50
C GLN G 97 -4.26 -29.40 25.53
N GLY G 98 -5.15 -28.98 24.65
CA GLY G 98 -5.80 -29.88 23.73
C GLY G 98 -6.92 -29.16 23.03
N ARG G 99 -7.77 -29.94 22.35
CA ARG G 99 -8.97 -29.39 21.73
C ARG G 99 -10.05 -29.25 22.78
N TYR G 100 -10.46 -28.00 23.05
CA TYR G 100 -11.55 -27.71 23.99
C TYR G 100 -12.78 -27.20 23.23
N GLU G 101 -13.95 -27.45 23.80
CA GLU G 101 -15.22 -26.93 23.32
C GLU G 101 -15.69 -25.86 24.29
N LEU G 102 -16.49 -24.91 23.80
CA LEU G 102 -17.02 -23.78 24.56
C LEU G 102 -18.53 -23.89 24.67
N ARG G 103 -19.06 -23.61 25.85
CA ARG G 103 -20.51 -23.53 26.03
C ARG G 103 -20.84 -22.25 26.77
N VAL G 104 -21.83 -21.52 26.26
CA VAL G 104 -22.34 -20.32 26.93
C VAL G 104 -23.76 -20.60 27.35
N ASP G 105 -24.01 -20.61 28.66
CA ASP G 105 -25.34 -20.79 29.24
C ASP G 105 -25.90 -19.45 29.70
N MET G 106 -27.14 -19.17 29.31
CA MET G 106 -27.77 -17.90 29.63
CA MET G 106 -27.78 -17.90 29.62
C MET G 106 -29.21 -18.15 30.09
N ARG G 107 -29.65 -17.33 31.05
CA ARG G 107 -31.00 -17.40 31.55
C ARG G 107 -31.58 -16.00 31.74
N ASP G 108 -32.89 -15.91 31.57
CA ASP G 108 -33.67 -14.69 31.76
C ASP G 108 -34.93 -15.15 32.49
N GLY G 109 -34.88 -15.15 33.83
CA GLY G 109 -35.98 -15.66 34.62
C GLY G 109 -36.01 -17.18 34.50
N GLN G 110 -37.11 -17.71 34.01
CA GLN G 110 -37.22 -19.15 33.77
C GLN G 110 -36.84 -19.55 32.34
N GLU G 111 -36.60 -18.59 31.45
CA GLU G 111 -36.18 -18.91 30.09
C GLU G 111 -34.67 -19.15 30.08
N ALA G 112 -34.26 -20.15 29.32
CA ALA G 112 -32.86 -20.50 29.23
C ALA G 112 -32.50 -20.79 27.77
N ALA G 113 -31.25 -20.51 27.41
CA ALA G 113 -30.72 -20.86 26.10
C ALA G 113 -29.24 -21.15 26.25
N PHE G 114 -28.66 -21.75 25.20
CA PHE G 114 -27.23 -22.02 25.23
C PHE G 114 -26.67 -21.96 23.83
N ALA G 115 -25.38 -21.75 23.73
CA ALA G 115 -24.63 -21.82 22.47
C ALA G 115 -23.37 -22.62 22.77
N SER G 116 -23.08 -23.60 21.93
CA SER G 116 -21.91 -24.44 22.07
C SER G 116 -21.08 -24.34 20.79
N TYR G 117 -19.75 -24.39 20.94
CA TYR G 117 -18.82 -24.38 19.82
C TYR G 117 -17.82 -25.50 20.00
N ASP G 118 -17.58 -26.27 18.93
CA ASP G 118 -16.85 -27.54 19.06
C ASP G 118 -15.34 -27.36 19.00
N ARG G 119 -14.85 -26.12 18.93
CA ARG G 119 -13.45 -25.80 19.08
C ARG G 119 -13.41 -24.47 19.81
N PHE G 120 -12.45 -24.30 20.73
CA PHE G 120 -12.34 -23.03 21.44
C PHE G 120 -10.88 -22.83 21.84
N SER G 121 -10.28 -21.71 21.44
CA SER G 121 -8.91 -21.41 21.82
C SER G 121 -8.78 -19.91 21.98
N VAL G 122 -7.88 -19.50 22.87
CA VAL G 122 -7.41 -18.13 23.01
C VAL G 122 -5.91 -18.15 22.82
N GLU G 123 -5.42 -17.29 21.91
CA GLU G 123 -4.00 -17.23 21.64
C GLU G 123 -3.28 -16.60 22.82
N ASP G 124 -1.95 -16.42 22.67
CA ASP G 124 -1.13 -15.95 23.77
C ASP G 124 -1.08 -14.41 23.75
N SER G 125 -0.38 -13.85 24.75
CA SER G 125 -0.36 -12.40 24.92
C SER G 125 0.27 -11.72 23.72
N ARG G 126 1.36 -12.29 23.19
CA ARG G 126 2.00 -11.71 22.02
C ARG G 126 1.01 -11.58 20.88
N ASN G 127 0.02 -12.46 20.81
CA ASN G 127 -0.99 -12.42 19.76
C ASN G 127 -2.33 -11.86 20.27
N LEU G 128 -2.30 -11.10 21.36
CA LEU G 128 -3.46 -10.33 21.80
C LEU G 128 -4.65 -11.20 22.18
N TYR G 129 -4.38 -12.45 22.58
CA TYR G 129 -5.41 -13.37 23.04
C TYR G 129 -6.56 -13.52 22.04
N LYS G 130 -6.20 -13.58 20.75
CA LYS G 130 -7.22 -13.71 19.71
C LYS G 130 -8.11 -14.92 19.93
N LEU G 131 -9.38 -14.77 19.60
CA LEU G 131 -10.39 -15.80 19.79
C LEU G 131 -10.49 -16.70 18.56
N ARG G 132 -10.53 -18.01 18.79
CA ARG G 132 -10.79 -19.01 17.76
C ARG G 132 -11.92 -19.91 18.22
N ILE G 133 -12.91 -20.13 17.37
CA ILE G 133 -14.06 -20.96 17.71
C ILE G 133 -14.47 -21.81 16.51
N GLY G 134 -15.00 -22.98 16.82
CA GLY G 134 -15.47 -23.96 15.83
C GLY G 134 -16.95 -23.85 15.53
N SER G 135 -17.55 -24.96 15.15
CA SER G 135 -18.90 -24.98 14.64
C SER G 135 -19.92 -24.82 15.76
N TYR G 136 -21.00 -24.09 15.46
CA TYR G 136 -22.03 -23.82 16.44
C TYR G 136 -23.14 -24.87 16.46
N ASN G 137 -23.66 -25.12 17.67
CA ASN G 137 -24.94 -25.78 17.88
C ASN G 137 -25.57 -25.13 19.12
N GLY G 138 -26.89 -25.05 19.15
CA GLY G 138 -27.55 -24.54 20.34
C GLY G 138 -28.89 -23.93 20.04
N THR G 139 -29.38 -23.15 21.01
CA THR G 139 -30.70 -22.55 20.95
C THR G 139 -30.65 -21.01 21.07
N ALA G 140 -29.50 -20.45 21.38
CA ALA G 140 -29.38 -19.02 21.58
C ALA G 140 -29.14 -18.28 20.28
N GLY G 141 -28.74 -18.98 19.23
CA GLY G 141 -28.29 -18.38 18.00
C GLY G 141 -26.81 -18.09 18.04
N ASP G 142 -26.19 -18.11 16.87
CA ASP G 142 -24.73 -18.01 16.77
C ASP G 142 -24.34 -16.54 16.65
N SER G 143 -24.23 -15.87 17.80
CA SER G 143 -23.80 -14.49 17.83
C SER G 143 -22.30 -14.35 18.05
N LEU G 144 -21.62 -15.42 18.47
CA LEU G 144 -20.19 -15.31 18.79
C LEU G 144 -19.30 -15.40 17.55
N SER G 145 -19.78 -15.99 16.43
CA SER G 145 -18.92 -16.15 15.27
C SER G 145 -18.57 -14.82 14.63
N TYR G 146 -19.40 -13.80 14.83
CA TYR G 146 -19.05 -12.44 14.43
C TYR G 146 -17.67 -12.05 14.91
N HIS G 147 -17.24 -12.60 16.04
CA HIS G 147 -16.01 -12.25 16.71
C HIS G 147 -14.86 -13.18 16.37
N GLN G 148 -15.04 -14.07 15.41
CA GLN G 148 -13.99 -15.03 15.06
C GLN G 148 -12.66 -14.35 14.74
N GLY G 149 -11.59 -14.85 15.34
CA GLY G 149 -10.26 -14.36 15.06
C GLY G 149 -9.93 -12.97 15.56
N ARG G 150 -10.76 -12.38 16.39
CA ARG G 150 -10.49 -10.99 16.77
C ARG G 150 -9.65 -10.93 18.04
N PRO G 151 -8.77 -9.96 18.17
CA PRO G 151 -8.03 -9.80 19.42
C PRO G 151 -8.95 -9.30 20.53
N PHE G 152 -8.51 -9.53 21.76
CA PHE G 152 -9.19 -8.97 22.91
C PHE G 152 -8.89 -7.48 23.03
N SER G 153 -9.86 -6.72 23.53
CA SER G 153 -9.68 -5.30 23.74
C SER G 153 -10.29 -4.89 25.08
N THR G 154 -9.65 -3.96 25.77
CA THR G 154 -10.15 -3.35 26.98
C THR G 154 -10.13 -1.84 26.81
N GLU G 155 -10.75 -1.15 27.77
CA GLU G 155 -10.92 0.30 27.59
C GLU G 155 -9.58 1.02 27.49
N ASP G 156 -8.54 0.46 28.10
CA ASP G 156 -7.22 1.08 28.03
C ASP G 156 -6.31 0.49 26.96
N ARG G 157 -6.79 -0.50 26.20
CA ARG G 157 -6.02 -1.20 25.19
C ARG G 157 -6.96 -1.50 24.02
N ASP G 158 -7.05 -0.57 23.08
CA ASP G 158 -7.98 -0.62 21.96
C ASP G 158 -7.33 -1.40 20.81
N ASN G 159 -7.76 -2.65 20.61
CA ASN G 159 -7.24 -3.48 19.53
C ASN G 159 -8.31 -3.79 18.47
N ASP G 160 -9.46 -3.11 18.52
CA ASP G 160 -10.53 -3.39 17.59
C ASP G 160 -10.27 -2.71 16.23
N VAL G 161 -11.24 -2.81 15.32
CA VAL G 161 -11.14 -2.22 14.00
C VAL G 161 -12.22 -1.18 13.83
N ALA G 162 -12.65 -0.57 14.92
CA ALA G 162 -13.55 0.57 14.90
C ALA G 162 -12.79 1.86 15.07
N VAL G 163 -13.31 2.93 14.46
CA VAL G 163 -12.74 4.26 14.65
C VAL G 163 -12.80 4.66 16.13
N THR G 164 -13.82 4.22 16.84
CA THR G 164 -14.02 4.55 18.22
C THR G 164 -13.39 3.44 19.09
N ASN G 165 -13.62 3.53 20.40
CA ASN G 165 -13.09 2.60 21.38
C ASN G 165 -14.26 1.74 21.84
N CYS G 166 -14.38 0.54 21.26
CA CYS G 166 -15.55 -0.28 21.50
C CYS G 166 -15.71 -0.59 22.99
N ALA G 167 -14.60 -0.92 23.66
CA ALA G 167 -14.66 -1.29 25.08
C ALA G 167 -15.14 -0.12 25.95
N MET G 168 -14.71 1.09 25.62
CA MET G 168 -15.15 2.24 26.39
C MET G 168 -16.60 2.59 26.07
N SER G 169 -16.98 2.53 24.79
CA SER G 169 -18.33 2.92 24.40
C SER G 169 -19.38 1.96 24.93
N TYR G 170 -19.05 0.68 24.97
CA TYR G 170 -20.02 -0.35 25.37
C TYR G 170 -19.61 -1.04 26.66
N LYS G 171 -18.76 -0.38 27.46
CA LYS G 171 -18.63 -0.65 28.90
C LYS G 171 -18.29 -2.11 29.16
N GLY G 172 -17.26 -2.59 28.48
CA GLY G 172 -16.94 -4.00 28.60
C GLY G 172 -15.52 -4.26 28.18
N ALA G 173 -15.23 -5.55 27.96
CA ALA G 173 -13.92 -6.05 27.57
C ALA G 173 -14.20 -7.28 26.75
N TRP G 174 -13.72 -7.32 25.52
CA TRP G 174 -14.19 -8.38 24.62
C TRP G 174 -13.30 -8.45 23.39
N TRP G 175 -13.52 -9.50 22.60
CA TRP G 175 -12.91 -9.63 21.28
C TRP G 175 -13.68 -8.79 20.26
N TYR G 176 -13.67 -7.49 20.49
CA TYR G 176 -14.47 -6.57 19.68
C TYR G 176 -13.99 -6.48 18.24
N LYS G 177 -14.96 -6.26 17.33
CA LYS G 177 -14.66 -5.96 15.94
C LYS G 177 -15.05 -4.50 15.71
N ASN G 178 -16.27 -4.22 15.24
CA ASN G 178 -16.80 -2.85 15.19
C ASN G 178 -18.33 -2.86 15.28
N CYS G 179 -18.91 -3.30 16.41
CA CYS G 179 -18.16 -3.66 17.61
C CYS G 179 -18.46 -5.09 18.07
N HIS G 180 -19.75 -5.40 18.25
CA HIS G 180 -20.08 -6.71 18.84
C HIS G 180 -21.48 -7.20 18.50
N ARG G 181 -21.64 -8.52 18.59
CA ARG G 181 -22.95 -9.14 18.67
C ARG G 181 -23.13 -9.88 19.98
N THR G 182 -22.06 -10.03 20.76
CA THR G 182 -22.11 -10.55 22.13
C THR G 182 -21.23 -9.63 22.97
N ASN G 183 -21.66 -9.38 24.20
CA ASN G 183 -20.94 -8.43 25.07
C ASN G 183 -21.07 -8.89 26.52
N LEU G 184 -20.52 -10.05 26.83
CA LEU G 184 -20.85 -10.73 28.07
C LEU G 184 -20.11 -10.19 29.27
N ASN G 185 -19.14 -9.31 29.04
CA ASN G 185 -18.44 -8.60 30.10
C ASN G 185 -18.92 -7.15 30.23
N GLY G 186 -20.08 -6.85 29.67
CA GLY G 186 -20.63 -5.52 29.68
C GLY G 186 -21.29 -5.17 31.02
N LYS G 187 -21.89 -3.98 31.05
CA LYS G 187 -22.50 -3.42 32.26
C LYS G 187 -23.77 -4.18 32.65
N TYR G 188 -23.79 -4.72 33.85
CA TYR G 188 -24.92 -5.54 34.30
C TYR G 188 -26.18 -4.72 34.40
N GLY G 189 -27.27 -5.26 33.85
CA GLY G 189 -28.56 -4.58 33.94
C GLY G 189 -28.76 -3.41 33.00
N GLU G 190 -27.82 -3.13 32.10
CA GLU G 190 -27.88 -1.92 31.27
C GLU G 190 -28.68 -2.21 30.00
N SER G 191 -29.82 -1.54 29.86
CA SER G 191 -30.61 -1.66 28.65
C SER G 191 -30.18 -0.74 27.50
N ARG G 192 -29.38 0.29 27.76
CA ARG G 192 -29.00 1.18 26.66
C ARG G 192 -28.30 0.40 25.56
N HIS G 193 -28.57 0.78 24.33
CA HIS G 193 -28.19 0.00 23.17
C HIS G 193 -26.73 -0.43 23.24
N SER G 194 -26.50 -1.74 23.19
CA SER G 194 -25.19 -2.39 23.04
C SER G 194 -24.28 -2.23 24.26
N GLN G 195 -24.75 -1.59 25.33
CA GLN G 195 -23.88 -1.41 26.50
C GLN G 195 -23.99 -2.55 27.51
N GLY G 196 -25.04 -3.35 27.44
CA GLY G 196 -25.30 -4.37 28.45
C GLY G 196 -24.73 -5.74 28.07
N ILE G 197 -25.16 -6.73 28.84
CA ILE G 197 -24.75 -8.11 28.63
C ILE G 197 -25.62 -8.65 27.53
N ASN G 198 -25.19 -8.44 26.29
CA ASN G 198 -26.01 -8.78 25.14
C ASN G 198 -25.58 -10.11 24.53
N TRP G 199 -26.57 -10.82 23.98
CA TRP G 199 -26.38 -11.94 23.05
C TRP G 199 -27.39 -11.68 21.95
N TYR G 200 -26.92 -11.09 20.83
CA TYR G 200 -27.84 -10.42 19.92
C TYR G 200 -28.92 -11.37 19.41
N HIS G 201 -28.54 -12.58 19.02
CA HIS G 201 -29.51 -13.44 18.36
C HIS G 201 -30.53 -14.03 19.32
N TRP G 202 -30.34 -13.88 20.62
CA TRP G 202 -31.35 -14.30 21.60
C TRP G 202 -32.26 -13.15 22.00
N LYS G 203 -31.69 -12.03 22.49
CA LYS G 203 -32.46 -10.95 23.09
C LYS G 203 -32.15 -9.57 22.53
N GLY G 204 -31.28 -9.47 21.51
CA GLY G 204 -31.07 -8.20 20.86
C GLY G 204 -30.03 -7.34 21.57
N HIS G 205 -29.98 -6.08 21.16
CA HIS G 205 -29.00 -5.15 21.71
C HIS G 205 -29.52 -4.27 22.84
N GLU G 206 -30.81 -4.29 23.12
CA GLU G 206 -31.38 -3.48 24.20
C GLU G 206 -31.89 -4.30 25.37
N PHE G 207 -31.30 -5.46 25.60
CA PHE G 207 -31.67 -6.31 26.74
C PHE G 207 -30.40 -6.88 27.34
N SER G 208 -30.21 -6.66 28.63
CA SER G 208 -29.06 -7.15 29.37
C SER G 208 -29.45 -8.47 30.03
N ILE G 209 -28.72 -9.53 29.75
CA ILE G 209 -29.09 -10.85 30.23
C ILE G 209 -28.68 -10.99 31.70
N PRO G 210 -29.59 -11.41 32.59
CA PRO G 210 -29.26 -11.40 34.02
C PRO G 210 -28.41 -12.55 34.52
N PHE G 211 -28.30 -13.67 33.79
CA PHE G 211 -27.42 -14.77 34.19
C PHE G 211 -26.69 -15.30 32.96
N VAL G 212 -25.35 -15.31 33.02
CA VAL G 212 -24.55 -15.90 31.96
CA VAL G 212 -24.51 -15.84 31.96
C VAL G 212 -23.39 -16.64 32.60
N GLU G 213 -23.03 -17.78 31.99
CA GLU G 213 -21.84 -18.55 32.37
C GLU G 213 -21.14 -18.95 31.08
N MET G 214 -19.82 -18.83 31.04
CA MET G 214 -18.96 -19.28 29.94
C MET G 214 -18.11 -20.41 30.47
N LYS G 215 -18.09 -21.54 29.74
CA LYS G 215 -17.39 -22.72 30.25
C LYS G 215 -16.78 -23.54 29.11
N MET G 216 -15.79 -24.34 29.47
CA MET G 216 -15.01 -25.07 28.49
C MET G 216 -14.68 -26.47 29.01
N ARG G 217 -14.53 -27.42 28.10
CA ARG G 217 -14.11 -28.76 28.48
C ARG G 217 -13.47 -29.44 27.28
N PRO G 218 -12.68 -30.49 27.49
CA PRO G 218 -12.07 -31.17 26.37
C PRO G 218 -13.13 -31.78 25.50
N TYR G 219 -12.91 -31.72 24.19
CA TYR G 219 -13.91 -32.23 23.22
C TYR G 219 -13.98 -33.78 23.18
N VAL H 5 -39.39 10.14 10.24
CA VAL H 5 -38.75 9.24 9.28
C VAL H 5 -37.42 8.73 9.82
N CYS H 6 -37.32 7.42 9.93
CA CYS H 6 -36.13 6.71 10.38
C CYS H 6 -35.79 6.92 11.85
N SER H 7 -35.40 8.13 12.23
CA SER H 7 -34.90 8.37 13.59
C SER H 7 -34.79 9.86 13.87
N SER H 8 -34.44 10.17 15.11
CA SER H 8 -34.14 11.53 15.52
C SER H 8 -32.70 11.85 15.13
N GLU H 9 -32.17 12.95 15.64
CA GLU H 9 -30.86 13.38 15.17
C GLU H 9 -29.75 12.77 16.03
N PRO H 10 -28.61 12.42 15.44
CA PRO H 10 -27.44 12.08 16.25
C PRO H 10 -27.06 13.26 17.13
N GLU H 11 -26.59 12.96 18.33
CA GLU H 11 -26.35 13.98 19.34
C GLU H 11 -24.87 14.13 19.67
N ASN H 12 -24.55 15.27 20.27
CA ASN H 12 -23.21 15.52 20.83
C ASN H 12 -22.11 15.28 19.79
N VAL H 13 -22.33 15.80 18.60
CA VAL H 13 -21.33 15.67 17.54
C VAL H 13 -20.08 16.45 17.91
N GLN H 14 -18.92 15.78 17.84
CA GLN H 14 -17.64 16.39 18.12
C GLN H 14 -16.65 16.03 17.02
N ALA H 15 -15.72 16.93 16.74
CA ALA H 15 -14.74 16.68 15.70
C ALA H 15 -13.46 17.45 15.98
N ASP H 16 -12.34 16.85 15.58
CA ASP H 16 -11.00 17.42 15.73
C ASP H 16 -10.11 16.85 14.63
N PRO H 17 -9.20 17.64 14.06
CA PRO H 17 -8.34 17.10 13.00
C PRO H 17 -7.37 16.07 13.55
N GLU H 18 -7.12 15.03 12.74
CA GLU H 18 -6.08 14.06 13.03
C GLU H 18 -4.72 14.53 12.54
N ASN H 19 -4.69 15.11 11.33
CA ASN H 19 -3.49 15.73 10.77
C ASN H 19 -3.97 16.82 9.82
N TYR H 20 -3.15 17.21 8.86
CA TYR H 20 -3.53 18.32 7.99
C TYR H 20 -4.50 17.89 6.88
N THR H 21 -4.75 16.59 6.71
CA THR H 21 -5.69 16.14 5.67
C THR H 21 -6.76 15.19 6.19
N SER H 22 -6.85 14.97 7.50
CA SER H 22 -7.78 14.03 8.08
C SER H 22 -8.41 14.63 9.33
N LEU H 23 -9.68 14.28 9.58
CA LEU H 23 -10.28 14.60 10.85
C LEU H 23 -11.08 13.40 11.38
N LEU H 24 -11.27 13.41 12.69
CA LEU H 24 -12.04 12.39 13.40
C LEU H 24 -13.30 13.04 13.93
N VAL H 25 -14.45 12.49 13.58
CA VAL H 25 -15.74 12.97 14.07
C VAL H 25 -16.41 11.83 14.82
N THR H 26 -17.06 12.17 15.92
CA THR H 26 -17.77 11.21 16.74
C THR H 26 -19.12 11.78 17.13
N TRP H 27 -20.02 10.92 17.59
CA TRP H 27 -21.39 11.31 17.87
C TRP H 27 -22.01 10.28 18.79
N GLU H 28 -23.24 10.53 19.20
CA GLU H 28 -24.02 9.60 19.99
C GLU H 28 -25.26 9.16 19.22
N ARG H 29 -25.74 7.95 19.54
CA ARG H 29 -26.88 7.39 18.85
C ARG H 29 -28.12 8.26 19.05
N PRO H 30 -28.96 8.40 18.02
CA PRO H 30 -30.24 9.10 18.20
C PRO H 30 -31.05 8.57 19.37
N ARG H 31 -31.68 9.49 20.11
CA ARG H 31 -32.50 9.10 21.25
C ARG H 31 -33.83 8.50 20.85
N VAL H 32 -34.26 8.67 19.60
CA VAL H 32 -35.56 8.19 19.14
C VAL H 32 -35.38 7.49 17.80
N VAL H 33 -35.83 6.24 17.74
CA VAL H 33 -35.88 5.48 16.49
C VAL H 33 -37.34 5.14 16.24
N TYR H 34 -37.87 5.61 15.12
CA TYR H 34 -39.28 5.41 14.80
C TYR H 34 -39.50 3.97 14.30
N THR H 36 -38.34 1.04 13.28
CA THR H 36 -37.37 0.39 12.38
C THR H 36 -36.02 0.22 13.07
N MET H 37 -34.95 0.11 12.27
CA MET H 37 -33.62 -0.09 12.83
C MET H 37 -32.63 0.78 12.08
N ILE H 38 -31.71 1.41 12.81
CA ILE H 38 -30.62 2.15 12.19
C ILE H 38 -29.62 1.15 11.62
N GLU H 39 -29.27 1.33 10.35
CA GLU H 39 -28.32 0.43 9.70
C GLU H 39 -26.92 1.00 9.67
N LYS H 40 -26.78 2.31 9.47
CA LYS H 40 -25.47 2.97 9.43
C LYS H 40 -25.70 4.47 9.56
N PHE H 41 -24.63 5.21 9.46
CA PHE H 41 -24.69 6.67 9.49
C PHE H 41 -24.01 7.24 8.26
N ALA H 42 -24.32 8.49 7.97
CA ALA H 42 -23.66 9.25 6.93
C ALA H 42 -23.11 10.53 7.56
N VAL H 43 -21.88 10.88 7.19
CA VAL H 43 -21.25 12.14 7.55
C VAL H 43 -21.37 13.02 6.33
N LEU H 44 -22.07 14.13 6.49
CA LEU H 44 -22.23 15.13 5.45
C LEU H 44 -21.25 16.25 5.75
N TYR H 45 -20.40 16.57 4.78
CA TYR H 45 -19.36 17.56 4.97
C TYR H 45 -19.25 18.43 3.72
N GLN H 46 -19.02 19.72 3.97
CA GLN H 46 -19.09 20.74 2.92
C GLN H 46 -18.06 21.79 3.27
N GLN H 47 -17.34 22.25 2.26
CA GLN H 47 -16.40 23.35 2.46
C GLN H 47 -17.14 24.66 2.69
N LEU H 48 -16.53 25.52 3.49
CA LEU H 48 -17.06 26.86 3.71
C LEU H 48 -16.48 27.89 2.74
N ASP H 49 -15.59 27.49 1.85
CA ASP H 49 -15.00 28.39 0.87
C ASP H 49 -14.66 27.61 -0.39
N GLY H 50 -14.45 28.33 -1.47
CA GLY H 50 -14.00 27.73 -2.71
C GLY H 50 -15.15 27.30 -3.62
N GLU H 51 -14.76 26.68 -4.73
CA GLU H 51 -15.72 26.37 -5.78
C GLU H 51 -16.72 25.32 -5.33
N ASP H 52 -16.27 24.26 -4.66
CA ASP H 52 -17.12 23.12 -4.32
C ASP H 52 -17.62 23.27 -2.89
N GLN H 53 -18.82 23.81 -2.75
CA GLN H 53 -19.47 23.94 -1.45
C GLN H 53 -20.72 23.09 -1.37
N THR H 54 -20.78 22.03 -2.17
CA THR H 54 -21.84 21.04 -2.06
C THR H 54 -21.57 20.09 -0.88
N LYS H 55 -22.65 19.46 -0.40
CA LYS H 55 -22.54 18.51 0.69
C LYS H 55 -21.99 17.19 0.14
N HIS H 56 -20.82 16.77 0.59
CA HIS H 56 -20.31 15.46 0.30
C HIS H 56 -20.78 14.50 1.37
N GLU H 57 -20.80 13.21 1.05
CA GLU H 57 -21.35 12.18 1.93
C GLU H 57 -20.37 11.04 2.08
N PHE H 58 -20.11 10.63 3.33
CA PHE H 58 -19.27 9.47 3.64
C PHE H 58 -20.12 8.55 4.49
N LEU H 59 -20.26 7.31 4.05
CA LEU H 59 -21.11 6.31 4.72
C LEU H 59 -20.29 5.43 5.63
N THR H 60 -20.79 5.22 6.85
CA THR H 60 -20.10 4.35 7.79
C THR H 60 -20.48 2.90 7.55
N ASP H 61 -19.75 2.00 8.18
CA ASP H 61 -20.04 0.56 8.12
C ASP H 61 -20.63 0.14 9.46
N GLY H 62 -21.95 -0.02 9.49
CA GLY H 62 -22.63 -0.51 10.67
C GLY H 62 -23.18 0.58 11.56
N TYR H 63 -23.86 0.13 12.64
CA TYR H 63 -24.58 1.03 13.51
C TYR H 63 -23.94 1.23 14.88
N GLN H 64 -22.86 0.53 15.18
CA GLN H 64 -22.25 0.61 16.50
C GLN H 64 -21.03 1.51 16.57
N ASP H 65 -20.32 1.69 15.46
CA ASP H 65 -19.12 2.52 15.43
C ASP H 65 -19.57 3.97 15.29
N LEU H 66 -19.65 4.68 16.41
CA LEU H 66 -20.16 6.06 16.41
C LEU H 66 -19.04 7.06 16.14
N GLY H 67 -18.28 6.81 15.09
CA GLY H 67 -17.24 7.75 14.69
C GLY H 67 -16.80 7.45 13.27
N ALA H 68 -16.06 8.40 12.71
CA ALA H 68 -15.58 8.23 11.35
C ALA H 68 -14.32 9.06 11.17
N ILE H 69 -13.46 8.60 10.27
CA ILE H 69 -12.29 9.37 9.81
C ILE H 69 -12.60 9.83 8.40
N LEU H 70 -12.54 11.13 8.16
CA LEU H 70 -12.60 11.69 6.82
C LEU H 70 -11.18 11.98 6.36
N ASN H 71 -10.81 11.46 5.20
CA ASN H 71 -9.47 11.65 4.68
C ASN H 71 -9.52 12.58 3.47
N ASN H 72 -8.32 12.94 2.99
CA ASN H 72 -8.13 13.73 1.76
C ASN H 72 -8.83 15.09 1.82
N LEU H 73 -8.88 15.67 3.01
CA LEU H 73 -9.41 17.00 3.17
C LEU H 73 -8.32 18.03 2.89
N LEU H 74 -8.73 19.28 2.80
CA LEU H 74 -7.77 20.33 2.38
C LEU H 74 -7.21 21.06 3.58
N PRO H 75 -5.88 21.24 3.66
CA PRO H 75 -5.33 22.06 4.75
C PRO H 75 -5.87 23.48 4.69
N ASN H 76 -5.94 24.12 5.86
CA ASN H 76 -6.37 25.51 6.02
C ASN H 76 -7.85 25.71 5.71
N MET H 77 -8.56 24.68 5.24
CA MET H 77 -9.96 24.83 4.88
C MET H 77 -10.84 24.62 6.10
N SER H 78 -11.93 25.36 6.17
CA SER H 78 -12.98 25.13 7.16
C SER H 78 -14.09 24.31 6.55
N TYR H 79 -14.61 23.36 7.34
CA TYR H 79 -15.70 22.49 6.94
C TYR H 79 -16.85 22.58 7.93
N VAL H 80 -18.07 22.40 7.43
CA VAL H 80 -19.25 22.20 8.26
C VAL H 80 -19.67 20.76 8.12
N LEU H 81 -19.93 20.08 9.24
CA LEU H 81 -20.25 18.66 9.26
C LEU H 81 -21.62 18.47 9.88
N GLN H 82 -22.35 17.50 9.35
CA GLN H 82 -23.58 17.00 9.95
C GLN H 82 -23.54 15.50 9.91
N ILE H 83 -24.26 14.88 10.84
CA ILE H 83 -24.37 13.42 10.92
C ILE H 83 -25.83 13.06 10.77
N VAL H 84 -26.11 11.96 10.07
CA VAL H 84 -27.47 11.51 9.86
C VAL H 84 -27.50 10.00 9.92
N ALA H 85 -28.49 9.45 10.60
CA ALA H 85 -28.69 8.00 10.61
C ALA H 85 -29.42 7.55 9.36
N ILE H 86 -29.08 6.35 8.89
CA ILE H 86 -29.75 5.71 7.77
C ILE H 86 -30.31 4.38 8.24
N CYS H 87 -31.61 4.17 8.04
CA CYS H 87 -32.31 3.01 8.54
C CYS H 87 -32.26 1.87 7.52
N THR H 88 -32.74 0.71 7.96
CA THR H 88 -32.67 -0.47 7.11
C THR H 88 -33.53 -0.36 5.86
N ASN H 89 -34.59 0.44 5.91
CA ASN H 89 -35.38 0.70 4.71
C ASN H 89 -34.75 1.74 3.78
N GLY H 90 -33.58 2.28 4.13
CA GLY H 90 -32.88 3.23 3.29
C GLY H 90 -33.19 4.68 3.57
N LEU H 91 -34.20 4.97 4.39
CA LEU H 91 -34.55 6.36 4.66
C LEU H 91 -33.52 7.00 5.58
N TYR H 92 -33.35 8.32 5.40
CA TYR H 92 -32.48 9.12 6.25
C TYR H 92 -33.28 9.75 7.37
N GLY H 93 -32.66 9.88 8.52
CA GLY H 93 -33.26 10.48 9.68
C GLY H 93 -33.02 11.97 9.74
N LYS H 94 -33.26 12.53 10.91
CA LYS H 94 -33.02 13.96 11.12
C LYS H 94 -31.52 14.24 11.17
N TYR H 95 -31.11 15.35 10.54
CA TYR H 95 -29.71 15.72 10.58
C TYR H 95 -29.33 16.19 11.97
N SER H 96 -28.05 16.03 12.31
CA SER H 96 -27.52 16.56 13.56
C SER H 96 -27.33 18.06 13.44
N ASP H 97 -27.07 18.69 14.59
CA ASP H 97 -26.62 20.07 14.57
C ASP H 97 -25.35 20.18 13.74
N GLN H 98 -25.22 21.30 13.03
CA GLN H 98 -24.04 21.54 12.20
C GLN H 98 -22.86 21.93 13.06
N LEU H 99 -21.72 21.31 12.80
CA LEU H 99 -20.47 21.58 13.51
C LEU H 99 -19.42 22.08 12.52
N ILE H 100 -18.68 23.12 12.90
CA ILE H 100 -17.61 23.67 12.07
C ILE H 100 -16.27 23.15 12.58
N VAL H 101 -15.42 22.72 11.64
CA VAL H 101 -14.07 22.25 11.93
C VAL H 101 -13.10 23.02 11.06
N ASP H 102 -12.04 23.52 11.65
CA ASP H 102 -10.96 24.20 10.95
C ASP H 102 -9.77 23.26 10.83
N MET H 103 -9.28 23.06 9.61
CA MET H 103 -8.15 22.17 9.41
C MET H 103 -6.83 22.92 9.59
N PRO H 104 -5.81 22.31 10.21
CA PRO H 104 -4.53 23.02 10.40
C PRO H 104 -3.75 23.15 9.10
N THR H 105 -2.51 23.63 9.20
CA THR H 105 -1.65 23.78 8.03
C THR H 105 -0.48 22.79 8.08
#